data_8XVJ
#
_entry.id   8XVJ
#
_cell.length_a   1.00
_cell.length_b   1.00
_cell.length_c   1.00
_cell.angle_alpha   90.00
_cell.angle_beta   90.00
_cell.angle_gamma   90.00
#
_symmetry.space_group_name_H-M   'P 1'
#
loop_
_entity.id
_entity.type
_entity.pdbx_description
1 polymer 'anti-BRIL Fab Heavy chain'
2 polymer 'anti-Fab Nanobody'
3 polymer 'anti-BRIL Fab Light chain'
4 polymer 'Endoglucanase H,Endothelin-1 receptor,Soluble cytochrome b562'
5 non-polymer Macitentan
#
loop_
_entity_poly.entity_id
_entity_poly.type
_entity_poly.pdbx_seq_one_letter_code
_entity_poly.pdbx_strand_id
1 'polypeptide(L)'
;MGWSCIILFLVATATGVHSEISEVQLVESGGGLVQPGGSLRLSCAASGFNVVDFSLHWVRQAPGKGLEWVAYISSSSGST
SYADSVKGRFTISADTSKNTAYLQMNSLRAEDTAVYYCARWGYWPGEPWWKAFDYWGQGTLVTVSSASTKGPSVFPLAPS
SKSTSGGTAALGCLVKDYFPEPVTVSWNSGALTSGVHTFPAVLQSSGLYSLSSVVTVPSSSLGTQTYICNVNHKPSNTKV
DKKVEPKSCDKTHENLYFQGHHHHHH
;
H
2 'polypeptide(L)'
;HHHHHHGENLYFQGSQVQLQESGGGLVQPGGSLRLSCAASGRTISRYAMSWFRQAPGKEREFVAVARRSGDGAFYADSVQ
GRFTVSRDDAKNTVYLQMNSLKPEDTAVYYCAIDSDTFYSGSYDYWGQGTQVTVSS
;
K
3 'polypeptide(L)'
;MGWSCIILFLVATATGVHSSDIQMTQSPSSLSASVGDRVTITCRASQSVSSAVAWYQQKPGKAPKLLIYSASSLYSGVPS
RFSGSRSGTDFTLTISSLQPEDFATYYCQQYLYYSLVTFGQGTKVEIKRTVAAPSVFIFPPSDSQLKSGTASVVCLLNNF
YPREAKVQWKVDNALQSGNSQESVTEQDSKDSTYSLSSTLTLSKADYEKHKVYACEVTHQGLSSPVTKSFNRGEC
;
L
4 'polypeptide(L)'
;MKTIIALSYIFCLVFADYKDDDDAHHHHHHHHHHGRAMASNYNSGLKIGAWVGTQPSESAIKSFQELQGRKLDIVHQFIN
WSTDFSWVRPYADAVYNNGSILMITWEPWEYNTVDIKNGKADAYITRMAQDMKAYGKEIWLRPLHAANGDWYPWAIGYSS
RVNTNETYIAAFRHIVDIFRANGATNVKWVFNVNCDNVGNGTSYLGHYPGDNYVDYTSIDGYNWGTTQSWGSQWQSFDQV
FSRAYQALASINKPIIIAEFASAEIGGNKARWITEAYNSIRTSYNKVIAAVWFHENKETDWRINSSPEALAAYREAIGAE
NLYFQGTTHQPTNLVLPSNGSMHNYCPQQTKITSAFKYINTVISCTIFIVGMVGNATLLRIIYQNKCMRNGPNALIASLA
LGDLIYVVIDLPINVFKLLAGRWPFDHNDFGVFLCKLFPFLQKSSVGITVLNLCALSVDRYRAVASWSRVQGIGIPLVTA
IEIVSIWILSFILAIPEAIGFVMVPFEYRGEQHKTCMLNATSKFMEFYQDVKDWWLFGFYFCMPLVCTAIFYTLMTCEAR
RQLADLEDNWETLNDNLKVIEKADNAAQVKDALTKMRAAALDAQKATPPKLEDKSPDSPEMKDFRHGFDILVGQIDDALK
LANEGKVKEAQAAAEQLKTTRNAYIQKYLERARSTLKQRREVAKTVFCLVVIFALCWFPLHLSRILKKTVYNEMDKNRCE
LLSFLLLMDYIGINLATMNSCINPIALYFVSKKFKNCFQSCLCCCCYQSKSLMTSVPMNGTSI
;
R
#
loop_
_chem_comp.id
_chem_comp.type
_chem_comp.name
_chem_comp.formula
A1D5I non-polymer Macitentan 'C19 H20 Br2 N6 O4 S'
#
# COMPACT_ATOMS: atom_id res chain seq x y z
N GLU A 23 -19.11 30.68 -8.91
CA GLU A 23 -18.05 29.79 -8.43
C GLU A 23 -18.05 29.71 -6.91
N VAL A 24 -17.56 28.59 -6.39
CA VAL A 24 -17.50 28.37 -4.95
C VAL A 24 -16.20 28.95 -4.42
N GLN A 25 -16.30 29.89 -3.48
CA GLN A 25 -15.12 30.58 -2.98
C GLN A 25 -15.32 30.92 -1.50
N LEU A 26 -14.22 30.90 -0.76
CA LEU A 26 -14.19 31.30 0.64
C LEU A 26 -13.08 32.32 0.84
N VAL A 27 -13.37 33.37 1.60
CA VAL A 27 -12.41 34.42 1.89
C VAL A 27 -12.36 34.64 3.40
N GLU A 28 -11.20 35.07 3.89
CA GLU A 28 -10.99 35.30 5.31
C GLU A 28 -10.38 36.68 5.51
N SER A 29 -10.68 37.27 6.67
CA SER A 29 -10.14 38.59 6.99
C SER A 29 -10.12 38.78 8.50
N GLY A 30 -9.35 39.78 8.94
CA GLY A 30 -9.28 40.12 10.34
C GLY A 30 -7.95 39.83 11.01
N GLY A 31 -6.88 39.80 10.23
CA GLY A 31 -5.56 39.48 10.76
C GLY A 31 -4.68 40.69 11.01
N GLY A 32 -3.69 40.55 11.88
CA GLY A 32 -2.80 41.65 12.18
C GLY A 32 -1.96 41.36 13.40
N LEU A 33 -1.47 42.42 14.03
CA LEU A 33 -0.62 42.35 15.20
C LEU A 33 -1.41 42.72 16.44
N VAL A 34 -1.35 41.87 17.46
CA VAL A 34 -2.02 42.10 18.73
C VAL A 34 -1.05 41.81 19.87
N GLN A 35 -1.31 42.43 21.00
CA GLN A 35 -0.52 42.21 22.21
C GLN A 35 -1.03 40.98 22.96
N PRO A 36 -0.19 40.39 23.81
CA PRO A 36 -0.67 39.26 24.62
C PRO A 36 -1.84 39.67 25.50
N GLY A 37 -2.83 38.78 25.59
CA GLY A 37 -4.05 39.10 26.29
C GLY A 37 -5.00 40.00 25.54
N GLY A 38 -4.75 40.26 24.26
CA GLY A 38 -5.58 41.15 23.47
C GLY A 38 -6.82 40.46 22.94
N SER A 39 -7.42 41.07 21.93
CA SER A 39 -8.64 40.57 21.34
C SER A 39 -8.56 40.68 19.82
N LEU A 40 -9.24 39.76 19.14
CA LEU A 40 -9.27 39.75 17.69
C LEU A 40 -10.59 39.16 17.22
N ARG A 41 -10.96 39.48 15.98
CA ARG A 41 -12.24 39.06 15.41
C ARG A 41 -12.02 38.75 13.93
N LEU A 42 -12.14 37.48 13.57
CA LEU A 42 -11.90 37.02 12.21
C LEU A 42 -13.21 36.69 11.53
N SER A 43 -13.30 37.02 10.24
CA SER A 43 -14.50 36.83 9.45
C SER A 43 -14.20 35.92 8.26
N CYS A 44 -15.12 35.00 7.99
CA CYS A 44 -15.03 34.07 6.87
C CYS A 44 -16.30 34.19 6.05
N ALA A 45 -16.15 34.63 4.80
CA ALA A 45 -17.28 34.85 3.90
C ALA A 45 -17.25 33.83 2.78
N ALA A 46 -18.44 33.41 2.34
CA ALA A 46 -18.58 32.38 1.33
C ALA A 46 -19.43 32.89 0.17
N SER A 47 -19.02 32.55 -1.04
CA SER A 47 -19.76 32.90 -2.25
C SER A 47 -19.94 31.65 -3.10
N GLY A 48 -21.14 31.52 -3.68
CA GLY A 48 -21.46 30.39 -4.52
C GLY A 48 -22.35 29.34 -3.87
N PHE A 49 -22.52 29.39 -2.55
CA PHE A 49 -23.41 28.46 -1.87
C PHE A 49 -23.93 29.10 -0.60
N ASN A 50 -24.99 28.52 -0.06
CA ASN A 50 -25.56 28.96 1.21
C ASN A 50 -24.90 28.21 2.36
N VAL A 51 -24.76 28.92 3.49
CA VAL A 51 -24.12 28.32 4.66
C VAL A 51 -25.05 27.43 5.46
N VAL A 52 -26.35 27.45 5.17
CA VAL A 52 -27.28 26.58 5.88
C VAL A 52 -27.29 25.16 5.34
N ASP A 53 -26.63 24.92 4.22
CA ASP A 53 -26.48 23.58 3.66
C ASP A 53 -25.15 22.93 3.99
N PHE A 54 -24.33 23.57 4.82
CA PHE A 54 -22.98 23.11 5.11
C PHE A 54 -22.61 23.48 6.54
N SER A 55 -21.51 22.90 7.01
CA SER A 55 -20.94 23.20 8.31
C SER A 55 -19.54 23.79 8.13
N LEU A 56 -19.23 24.82 8.91
CA LEU A 56 -18.00 25.58 8.74
C LEU A 56 -17.02 25.24 9.85
N HIS A 57 -15.79 24.94 9.45
CA HIS A 57 -14.72 24.53 10.37
C HIS A 57 -13.52 25.47 10.22
N TRP A 58 -12.78 25.61 11.32
CA TRP A 58 -11.56 26.39 11.35
C TRP A 58 -10.37 25.48 11.62
N VAL A 59 -9.27 25.71 10.91
CA VAL A 59 -8.07 24.90 11.04
C VAL A 59 -6.88 25.82 11.21
N ARG A 60 -5.93 25.41 12.05
CA ARG A 60 -4.78 26.23 12.43
C ARG A 60 -3.49 25.51 12.10
N GLN A 61 -2.51 26.26 11.57
CA GLN A 61 -1.18 25.72 11.31
C GLN A 61 -0.14 26.65 11.91
N ALA A 62 0.58 26.17 12.91
CA ALA A 62 1.65 26.94 13.52
C ALA A 62 2.83 27.06 12.56
N PRO A 63 3.64 28.09 12.71
CA PRO A 63 4.79 28.26 11.79
C PRO A 63 5.78 27.11 11.94
N GLY A 64 5.99 26.39 10.84
CA GLY A 64 6.87 25.25 10.82
C GLY A 64 6.38 24.06 11.64
N LYS A 65 5.07 23.82 11.65
CA LYS A 65 4.49 22.70 12.40
C LYS A 65 3.42 22.05 11.52
N GLY A 66 2.64 21.16 12.13
CA GLY A 66 1.60 20.44 11.42
C GLY A 66 0.28 21.18 11.42
N LEU A 67 -0.77 20.47 11.00
CA LEU A 67 -2.11 21.01 10.92
C LEU A 67 -2.90 20.62 12.16
N GLU A 68 -3.68 21.57 12.69
CA GLU A 68 -4.43 21.37 13.92
C GLU A 68 -5.87 21.84 13.74
N TRP A 69 -6.79 21.15 14.41
CA TRP A 69 -8.20 21.48 14.41
C TRP A 69 -8.53 22.45 15.54
N VAL A 70 -9.47 23.35 15.31
CA VAL A 70 -9.79 24.38 16.29
C VAL A 70 -11.26 24.34 16.72
N ALA A 71 -12.18 24.61 15.78
CA ALA A 71 -13.58 24.74 16.14
C ALA A 71 -14.45 24.52 14.92
N TYR A 72 -15.75 24.31 15.16
CA TYR A 72 -16.70 24.19 14.06
C TYR A 72 -18.08 24.65 14.50
N ILE A 73 -18.89 25.03 13.50
CA ILE A 73 -20.25 25.50 13.71
C ILE A 73 -21.15 24.98 12.59
N SER A 74 -22.42 24.74 12.94
CA SER A 74 -23.46 24.36 11.99
C SER A 74 -24.69 25.21 12.28
N SER A 75 -25.08 26.04 11.33
CA SER A 75 -26.14 27.01 11.51
C SER A 75 -27.53 26.46 11.22
N SER A 76 -27.63 25.27 10.61
CA SER A 76 -28.94 24.66 10.43
C SER A 76 -29.57 24.31 11.77
N SER A 77 -28.77 23.82 12.71
CA SER A 77 -29.25 23.49 14.05
C SER A 77 -28.58 24.32 15.14
N GLY A 78 -27.65 25.20 14.78
CA GLY A 78 -26.96 26.02 15.77
C GLY A 78 -26.10 25.21 16.73
N SER A 79 -25.32 24.27 16.19
CA SER A 79 -24.47 23.41 17.00
C SER A 79 -23.02 23.81 16.82
N THR A 80 -22.33 24.07 17.93
CA THR A 80 -20.94 24.55 17.91
C THR A 80 -20.09 23.66 18.80
N SER A 81 -18.80 23.55 18.44
CA SER A 81 -17.86 22.86 19.32
C SER A 81 -16.46 23.40 19.11
N TYR A 82 -15.63 23.26 20.14
CA TYR A 82 -14.29 23.81 20.18
C TYR A 82 -13.29 22.72 20.53
N ALA A 83 -12.01 23.08 20.52
CA ALA A 83 -10.94 22.19 20.94
C ALA A 83 -10.58 22.43 22.39
N ASP A 84 -9.93 21.44 23.01
CA ASP A 84 -9.62 21.51 24.43
C ASP A 84 -8.62 22.63 24.73
N SER A 85 -7.67 22.86 23.84
CA SER A 85 -6.63 23.86 24.07
C SER A 85 -7.11 25.28 23.81
N VAL A 86 -8.31 25.46 23.27
CA VAL A 86 -8.81 26.79 22.96
C VAL A 86 -10.21 26.98 23.55
N LYS A 87 -10.56 26.17 24.54
CA LYS A 87 -11.87 26.26 25.16
C LYS A 87 -11.91 27.40 26.18
N GLY A 88 -13.00 28.16 26.16
CA GLY A 88 -13.22 29.24 27.10
C GLY A 88 -12.66 30.58 26.68
N ARG A 89 -11.88 30.63 25.61
CA ARG A 89 -11.33 31.88 25.10
C ARG A 89 -11.76 32.21 23.69
N PHE A 90 -12.27 31.24 22.93
CA PHE A 90 -12.71 31.45 21.55
C PHE A 90 -14.21 31.24 21.47
N THR A 91 -14.88 32.11 20.70
CA THR A 91 -16.31 31.98 20.43
C THR A 91 -16.53 31.98 18.93
N ILE A 92 -17.48 31.16 18.48
CA ILE A 92 -17.77 31.03 17.05
C ILE A 92 -19.24 31.34 16.83
N SER A 93 -19.55 32.00 15.72
CA SER A 93 -20.93 32.36 15.40
C SER A 93 -21.10 32.37 13.89
N ALA A 94 -22.37 32.40 13.46
CA ALA A 94 -22.71 32.43 12.05
C ALA A 94 -23.80 33.47 11.81
N ASP A 95 -23.85 33.97 10.58
CA ASP A 95 -24.85 34.94 10.14
C ASP A 95 -25.39 34.48 8.80
N THR A 96 -26.65 34.03 8.78
CA THR A 96 -27.24 33.54 7.55
C THR A 96 -27.77 34.67 6.67
N SER A 97 -27.94 35.87 7.24
CA SER A 97 -28.36 37.01 6.42
C SER A 97 -27.24 37.48 5.51
N LYS A 98 -26.03 37.61 6.04
CA LYS A 98 -24.87 38.00 5.25
C LYS A 98 -24.06 36.82 4.75
N ASN A 99 -24.46 35.59 5.10
CA ASN A 99 -23.77 34.37 4.67
C ASN A 99 -22.31 34.38 5.11
N THR A 100 -22.10 34.45 6.42
CA THR A 100 -20.75 34.59 6.95
C THR A 100 -20.61 33.81 8.25
N ALA A 101 -19.35 33.60 8.65
CA ALA A 101 -19.00 33.00 9.92
C ALA A 101 -17.99 33.89 10.62
N TYR A 102 -18.03 33.90 11.95
CA TYR A 102 -17.19 34.79 12.74
C TYR A 102 -16.53 34.02 13.87
N LEU A 103 -15.26 34.34 14.14
CA LEU A 103 -14.50 33.75 15.23
C LEU A 103 -13.89 34.86 16.06
N GLN A 104 -14.30 34.94 17.32
CA GLN A 104 -13.81 35.95 18.25
C GLN A 104 -12.83 35.31 19.23
N MET A 105 -11.64 35.89 19.33
CA MET A 105 -10.58 35.38 20.18
C MET A 105 -10.22 36.41 21.24
N ASN A 106 -10.16 35.96 22.50
CA ASN A 106 -9.78 36.81 23.61
C ASN A 106 -8.74 36.11 24.47
N SER A 107 -7.92 36.91 25.15
CA SER A 107 -6.90 36.41 26.09
C SER A 107 -5.94 35.44 25.41
N LEU A 108 -5.27 35.95 24.38
CA LEU A 108 -4.33 35.13 23.62
C LEU A 108 -2.98 35.05 24.31
N ARG A 109 -2.24 33.98 24.01
CA ARG A 109 -0.92 33.74 24.57
C ARG A 109 0.08 33.55 23.43
N ALA A 110 1.32 33.24 23.82
CA ALA A 110 2.43 33.26 22.85
C ALA A 110 2.24 32.22 21.76
N GLU A 111 1.77 31.03 22.11
CA GLU A 111 1.66 29.94 21.14
C GLU A 111 0.40 30.02 20.29
N ASP A 112 -0.22 31.19 20.20
CA ASP A 112 -1.40 31.38 19.36
C ASP A 112 -1.09 32.02 18.02
N THR A 113 0.18 32.20 17.68
CA THR A 113 0.56 32.76 16.39
C THR A 113 0.61 31.64 15.36
N ALA A 114 -0.12 31.80 14.26
CA ALA A 114 -0.25 30.73 13.29
C ALA A 114 -0.91 31.30 12.02
N VAL A 115 -1.28 30.40 11.11
CA VAL A 115 -2.09 30.72 9.95
C VAL A 115 -3.40 29.98 10.08
N TYR A 116 -4.51 30.69 9.85
CA TYR A 116 -5.86 30.19 10.07
C TYR A 116 -6.57 30.00 8.74
N TYR A 117 -7.31 28.89 8.63
CA TYR A 117 -8.01 28.50 7.41
C TYR A 117 -9.46 28.20 7.71
N CYS A 118 -10.32 28.51 6.74
CA CYS A 118 -11.74 28.21 6.78
C CYS A 118 -12.01 27.00 5.88
N ALA A 119 -13.00 26.20 6.26
CA ALA A 119 -13.30 25.01 5.46
C ALA A 119 -14.77 24.64 5.60
N ARG A 120 -15.27 23.90 4.61
CA ARG A 120 -16.67 23.51 4.55
C ARG A 120 -16.79 21.99 4.63
N TRP A 121 -17.92 21.52 5.16
CA TRP A 121 -18.19 20.09 5.28
C TRP A 121 -19.66 19.85 5.04
N GLY A 122 -19.98 18.78 4.31
CA GLY A 122 -21.34 18.47 3.96
C GLY A 122 -22.11 17.79 5.08
N TYR A 123 -23.38 17.54 4.83
CA TYR A 123 -24.26 16.91 5.80
C TYR A 123 -24.39 15.42 5.52
N TRP A 124 -24.98 14.71 6.49
CA TRP A 124 -24.79 13.25 6.55
C TRP A 124 -25.45 12.50 5.40
N PRO A 125 -26.79 12.53 5.24
CA PRO A 125 -27.44 11.47 4.48
C PRO A 125 -27.09 11.49 2.99
N GLY A 126 -25.90 11.03 2.66
CA GLY A 126 -25.51 10.86 1.28
C GLY A 126 -24.01 11.06 1.11
N GLU A 127 -23.63 11.29 -0.15
CA GLU A 127 -22.23 11.47 -0.49
C GLU A 127 -21.54 12.67 0.16
N PRO A 128 -22.16 13.86 0.25
CA PRO A 128 -21.39 15.03 0.72
C PRO A 128 -20.69 14.84 2.05
N TRP A 129 -21.21 13.99 2.94
CA TRP A 129 -20.49 13.69 4.17
C TRP A 129 -19.17 12.98 3.86
N TRP A 130 -19.17 12.04 2.92
CA TRP A 130 -17.94 11.37 2.53
C TRP A 130 -17.00 12.30 1.77
N LYS A 131 -17.47 13.48 1.37
CA LYS A 131 -16.65 14.41 0.60
C LYS A 131 -15.68 15.19 1.48
N ALA A 132 -15.75 15.05 2.79
CA ALA A 132 -14.78 15.62 3.74
C ALA A 132 -14.65 17.12 3.49
N PHE A 133 -13.45 17.66 3.70
CA PHE A 133 -13.18 19.06 3.42
C PHE A 133 -12.89 19.24 1.94
N ASP A 134 -13.72 20.04 1.25
CA ASP A 134 -13.59 20.25 -0.19
C ASP A 134 -12.85 21.53 -0.52
N TYR A 135 -13.33 22.68 -0.04
CA TYR A 135 -12.80 23.97 -0.40
C TYR A 135 -12.18 24.63 0.82
N TRP A 136 -10.92 25.02 0.71
CA TRP A 136 -10.20 25.70 1.77
C TRP A 136 -10.11 27.20 1.47
N GLY A 137 -10.00 27.98 2.54
CA GLY A 137 -9.78 29.40 2.40
C GLY A 137 -8.34 29.73 2.09
N GLN A 138 -8.07 31.01 1.89
CA GLN A 138 -6.72 31.45 1.58
C GLN A 138 -5.81 31.36 2.79
N GLY A 139 -6.28 31.79 3.95
CA GLY A 139 -5.49 31.73 5.17
C GLY A 139 -5.15 33.14 5.66
N THR A 140 -5.11 33.29 6.98
CA THR A 140 -4.80 34.58 7.60
C THR A 140 -3.73 34.37 8.66
N LEU A 141 -2.69 35.21 8.62
CA LEU A 141 -1.57 35.11 9.56
C LEU A 141 -1.87 35.96 10.79
N VAL A 142 -1.86 35.34 11.95
CA VAL A 142 -2.08 36.04 13.22
C VAL A 142 -0.86 35.83 14.09
N THR A 143 -0.25 36.94 14.52
CA THR A 143 0.94 36.91 15.35
C THR A 143 0.72 37.76 16.60
N VAL A 144 1.15 37.24 17.74
CA VAL A 144 1.07 37.96 19.01
C VAL A 144 2.49 38.22 19.50
N SER A 145 2.70 39.40 20.06
CA SER A 145 4.02 39.81 20.51
C SER A 145 3.90 40.98 21.47
N SER A 146 4.98 41.21 22.20
CA SER A 146 5.07 42.32 23.16
C SER A 146 6.29 43.17 22.88
N ALA A 147 6.52 43.51 21.62
CA ALA A 147 7.67 44.29 21.21
C ALA A 147 7.24 45.41 20.28
N SER A 148 8.00 46.50 20.28
CA SER A 148 7.70 47.65 19.44
C SER A 148 8.32 47.47 18.06
N THR A 149 8.05 48.44 17.18
CA THR A 149 8.59 48.43 15.83
C THR A 149 9.84 49.30 15.78
N LYS A 150 10.91 48.77 15.21
CA LYS A 150 12.17 49.48 15.13
C LYS A 150 12.98 48.98 13.93
N GLY A 151 13.89 49.81 13.48
CA GLY A 151 14.74 49.48 12.35
C GLY A 151 15.89 48.58 12.76
N PRO A 152 16.48 47.90 11.79
CA PRO A 152 17.59 46.98 12.08
C PRO A 152 18.93 47.69 12.04
N SER A 153 19.98 46.94 12.40
CA SER A 153 21.36 47.39 12.30
C SER A 153 22.11 46.42 11.40
N VAL A 154 22.94 46.97 10.52
CA VAL A 154 23.67 46.18 9.52
C VAL A 154 25.15 46.19 9.88
N PHE A 155 25.77 45.01 9.87
CA PHE A 155 27.14 44.78 10.28
C PHE A 155 27.86 43.97 9.21
N PRO A 156 29.17 44.14 9.07
CA PRO A 156 29.92 43.42 8.05
C PRO A 156 30.38 42.04 8.52
N LEU A 157 30.76 41.22 7.53
CA LEU A 157 31.36 39.91 7.76
C LEU A 157 32.42 39.74 6.67
N ALA A 158 33.66 40.10 6.99
CA ALA A 158 34.80 40.15 6.10
C ALA A 158 35.70 38.93 6.30
N PRO A 159 36.37 38.48 5.26
CA PRO A 159 37.27 37.32 5.38
C PRO A 159 38.70 37.77 5.66
N SER A 160 39.55 36.77 5.89
CA SER A 160 40.96 36.99 6.15
C SER A 160 41.77 36.81 4.88
N SER A 161 43.02 37.28 4.92
CA SER A 161 43.91 37.12 3.77
C SER A 161 44.27 35.66 3.54
N LYS A 162 44.26 34.85 4.60
CA LYS A 162 44.55 33.43 4.50
C LYS A 162 43.29 32.58 4.29
N SER A 163 42.13 33.21 4.19
CA SER A 163 40.86 32.49 4.00
C SER A 163 40.78 32.04 2.55
N THR A 164 41.33 30.84 2.29
CA THR A 164 41.34 30.23 0.96
C THR A 164 41.96 31.17 -0.08
N SER A 165 43.24 31.47 0.14
CA SER A 165 43.98 32.33 -0.78
C SER A 165 44.11 31.64 -2.14
N GLY A 166 43.75 32.37 -3.20
CA GLY A 166 43.77 31.81 -4.54
C GLY A 166 42.56 30.98 -4.91
N GLY A 167 41.60 30.83 -3.99
CA GLY A 167 40.42 30.04 -4.26
C GLY A 167 39.15 30.86 -4.26
N THR A 168 38.22 30.54 -3.35
CA THR A 168 36.95 31.22 -3.24
C THR A 168 36.80 31.80 -1.84
N ALA A 169 36.35 33.06 -1.77
CA ALA A 169 36.09 33.74 -0.51
C ALA A 169 34.60 33.98 -0.36
N ALA A 170 34.20 34.37 0.86
CA ALA A 170 32.81 34.65 1.17
C ALA A 170 32.71 35.98 1.89
N LEU A 171 31.78 36.83 1.44
CA LEU A 171 31.45 38.09 2.08
C LEU A 171 30.08 37.98 2.73
N GLY A 172 29.83 38.83 3.73
CA GLY A 172 28.52 38.79 4.34
C GLY A 172 28.10 40.11 4.95
N CYS A 173 26.78 40.29 5.02
CA CYS A 173 26.21 41.37 5.82
C CYS A 173 25.11 40.82 6.70
N LEU A 174 25.11 41.25 7.96
CA LEU A 174 24.26 40.73 9.02
C LEU A 174 23.35 41.83 9.52
N VAL A 175 22.03 41.58 9.50
CA VAL A 175 21.03 42.53 9.95
C VAL A 175 20.42 42.02 11.25
N LYS A 176 20.27 42.92 12.21
CA LYS A 176 19.88 42.52 13.56
C LYS A 176 18.84 43.47 14.12
N ASP A 177 18.04 42.96 15.06
CA ASP A 177 17.16 43.76 15.92
C ASP A 177 16.15 44.56 15.11
N TYR A 178 15.27 43.84 14.44
CA TYR A 178 14.17 44.44 13.70
C TYR A 178 12.88 43.67 13.98
N PHE A 179 11.75 44.38 13.93
CA PHE A 179 10.43 43.75 14.13
C PHE A 179 9.42 44.12 13.04
N PRO A 180 9.77 43.94 11.76
CA PRO A 180 8.71 43.65 10.77
C PRO A 180 8.57 42.15 10.57
N GLU A 181 7.64 41.73 9.74
CA GLU A 181 7.73 40.35 9.27
C GLU A 181 8.80 40.27 8.17
N PRO A 182 8.70 41.02 7.05
CA PRO A 182 9.70 40.89 5.99
C PRO A 182 10.81 41.92 6.06
N VAL A 183 12.00 41.55 5.56
CA VAL A 183 13.11 42.47 5.36
C VAL A 183 13.76 42.13 4.02
N THR A 184 14.06 43.17 3.24
CA THR A 184 14.60 42.96 1.90
C THR A 184 16.10 43.23 1.90
N VAL A 185 16.86 42.30 1.34
CA VAL A 185 18.31 42.42 1.24
C VAL A 185 18.72 42.19 -0.21
N SER A 186 19.53 43.09 -0.75
CA SER A 186 20.00 42.98 -2.12
C SER A 186 21.49 43.27 -2.18
N TRP A 187 22.14 42.75 -3.21
CA TRP A 187 23.57 42.93 -3.42
C TRP A 187 23.81 43.74 -4.69
N ASN A 188 24.55 44.85 -4.55
CA ASN A 188 24.91 45.71 -5.68
C ASN A 188 23.68 46.17 -6.45
N SER A 189 22.62 46.55 -5.71
CA SER A 189 21.39 47.07 -6.28
C SER A 189 20.79 46.10 -7.31
N GLY A 190 20.79 44.81 -6.97
CA GLY A 190 20.21 43.80 -7.83
C GLY A 190 21.11 43.31 -8.94
N ALA A 191 22.40 43.67 -8.93
CA ALA A 191 23.30 43.24 -10.00
C ALA A 191 23.75 41.79 -9.78
N LEU A 192 24.42 41.52 -8.67
CA LEU A 192 24.96 40.20 -8.40
C LEU A 192 23.87 39.32 -7.77
N THR A 193 23.57 38.20 -8.41
CA THR A 193 22.55 37.28 -7.94
C THR A 193 23.06 35.85 -7.82
N SER A 194 23.92 35.41 -8.74
CA SER A 194 24.43 34.04 -8.71
C SER A 194 25.29 33.82 -7.47
N GLY A 195 25.09 32.66 -6.83
CA GLY A 195 25.82 32.32 -5.62
C GLY A 195 25.48 33.19 -4.43
N VAL A 196 24.21 33.57 -4.29
CA VAL A 196 23.73 34.33 -3.15
C VAL A 196 22.51 33.63 -2.57
N HIS A 197 22.51 33.42 -1.25
CA HIS A 197 21.32 32.92 -0.57
C HIS A 197 21.29 33.52 0.84
N THR A 198 20.11 33.99 1.24
CA THR A 198 19.90 34.57 2.55
C THR A 198 19.00 33.65 3.37
N PHE A 199 19.39 33.42 4.62
CA PHE A 199 18.72 32.46 5.49
C PHE A 199 17.46 33.06 6.11
N PRO A 200 16.45 32.22 6.38
CA PRO A 200 15.23 32.72 7.00
C PRO A 200 15.51 33.34 8.36
N ALA A 201 14.74 34.37 8.69
CA ALA A 201 14.90 35.05 9.97
C ALA A 201 14.53 34.13 11.12
N VAL A 202 15.28 34.25 12.22
CA VAL A 202 15.07 33.44 13.41
C VAL A 202 14.71 34.37 14.56
N LEU A 203 13.92 33.86 15.50
CA LEU A 203 13.42 34.62 16.63
C LEU A 203 14.46 34.62 17.74
N GLN A 204 14.88 35.82 18.16
CA GLN A 204 15.83 35.95 19.25
C GLN A 204 15.14 35.72 20.59
N SER A 205 15.95 35.65 21.65
CA SER A 205 15.41 35.46 23.00
C SER A 205 14.58 36.65 23.44
N SER A 206 15.06 37.87 23.17
CA SER A 206 14.35 39.07 23.59
C SER A 206 13.01 39.21 22.87
N GLY A 207 12.99 38.98 21.57
CA GLY A 207 11.76 39.06 20.81
C GLY A 207 11.89 39.64 19.42
N LEU A 208 13.06 40.18 19.09
CA LEU A 208 13.31 40.73 17.77
C LEU A 208 13.89 39.64 16.87
N TYR A 209 14.38 40.03 15.69
CA TYR A 209 14.78 39.08 14.66
C TYR A 209 16.20 39.38 14.18
N SER A 210 16.87 38.34 13.69
CA SER A 210 18.19 38.47 13.09
C SER A 210 18.23 37.71 11.76
N LEU A 211 19.06 38.19 10.84
CA LEU A 211 19.16 37.60 9.52
C LEU A 211 20.55 37.86 8.96
N SER A 212 20.96 37.02 8.01
CA SER A 212 22.29 37.10 7.43
C SER A 212 22.21 36.92 5.92
N SER A 213 23.18 37.49 5.22
CA SER A 213 23.32 37.28 3.78
C SER A 213 24.78 37.11 3.43
N VAL A 214 25.08 36.15 2.57
CA VAL A 214 26.46 35.78 2.25
C VAL A 214 26.59 35.59 0.75
N VAL A 215 27.75 36.00 0.22
CA VAL A 215 28.11 35.83 -1.18
C VAL A 215 29.44 35.08 -1.25
N THR A 216 29.67 34.44 -2.39
CA THR A 216 30.81 33.54 -2.56
C THR A 216 31.58 33.85 -3.84
N VAL A 217 31.91 35.12 -4.04
CA VAL A 217 32.68 35.54 -5.22
C VAL A 217 34.09 34.97 -5.11
N PRO A 218 34.74 34.58 -6.21
CA PRO A 218 36.07 33.99 -6.10
C PRO A 218 37.22 34.98 -6.03
N SER A 219 36.99 36.26 -6.32
CA SER A 219 38.05 37.26 -6.29
C SER A 219 37.70 38.34 -5.27
N SER A 220 38.60 38.59 -4.33
CA SER A 220 38.45 39.65 -3.36
C SER A 220 39.35 40.85 -3.67
N SER A 221 39.78 40.99 -4.93
CA SER A 221 40.63 42.09 -5.32
C SER A 221 39.82 43.39 -5.39
N LEU A 222 40.55 44.51 -5.44
CA LEU A 222 39.95 45.83 -5.47
C LEU A 222 39.34 46.20 -6.81
N GLY A 223 39.28 45.26 -7.76
CA GLY A 223 38.73 45.54 -9.08
C GLY A 223 37.24 45.81 -9.06
N THR A 224 36.46 44.81 -8.65
CA THR A 224 35.00 44.94 -8.63
C THR A 224 34.46 44.67 -7.23
N GLN A 225 35.11 45.22 -6.21
CA GLN A 225 34.79 44.92 -4.82
C GLN A 225 33.92 46.01 -4.18
N THR A 226 32.98 46.58 -4.93
CA THR A 226 31.99 47.47 -4.33
C THR A 226 31.18 46.71 -3.28
N TYR A 227 30.40 45.72 -3.72
CA TYR A 227 29.69 44.79 -2.84
C TYR A 227 28.90 45.53 -1.76
N ILE A 228 27.95 46.33 -2.20
CA ILE A 228 27.10 47.11 -1.32
C ILE A 228 25.89 46.27 -0.93
N CYS A 229 25.64 46.15 0.37
CA CYS A 229 24.44 45.49 0.87
C CYS A 229 23.34 46.53 1.03
N ASN A 230 22.28 46.40 0.23
CA ASN A 230 21.14 47.30 0.31
C ASN A 230 20.06 46.63 1.16
N VAL A 231 19.67 47.29 2.25
CA VAL A 231 18.70 46.75 3.19
C VAL A 231 17.47 47.65 3.18
N ASN A 232 16.32 47.08 2.89
CA ASN A 232 15.05 47.77 2.84
C ASN A 232 14.13 47.23 3.93
N HIS A 233 13.59 48.14 4.75
CA HIS A 233 12.68 47.80 5.84
C HIS A 233 11.45 48.69 5.68
N LYS A 234 10.44 48.18 4.97
CA LYS A 234 9.27 48.99 4.63
C LYS A 234 8.47 49.45 5.85
N PRO A 235 8.11 48.60 6.81
CA PRO A 235 7.28 49.09 7.93
C PRO A 235 7.91 50.23 8.72
N SER A 236 9.23 50.27 8.82
CA SER A 236 9.92 51.40 9.42
C SER A 236 10.48 52.36 8.38
N ASN A 237 10.15 52.15 7.11
CA ASN A 237 10.63 52.94 5.97
C ASN A 237 12.10 53.32 6.13
N THR A 238 12.93 52.28 6.26
CA THR A 238 14.36 52.43 6.47
C THR A 238 15.13 51.87 5.28
N LYS A 239 16.01 52.69 4.73
CA LYS A 239 16.93 52.28 3.67
C LYS A 239 18.35 52.38 4.20
N VAL A 240 19.10 51.28 4.12
CA VAL A 240 20.47 51.23 4.64
C VAL A 240 21.40 50.71 3.55
N ASP A 241 22.55 51.34 3.41
CA ASP A 241 23.60 50.90 2.51
C ASP A 241 24.82 50.49 3.34
N LYS A 242 25.31 49.27 3.12
CA LYS A 242 26.41 48.71 3.88
C LYS A 242 27.60 48.47 2.97
N LYS A 243 28.77 48.90 3.43
CA LYS A 243 30.03 48.76 2.70
C LYS A 243 30.91 47.73 3.40
N VAL A 244 31.46 46.80 2.62
CA VAL A 244 32.33 45.77 3.14
C VAL A 244 33.75 46.02 2.66
N GLU A 245 34.71 45.50 3.41
CA GLU A 245 36.12 45.73 3.13
C GLU A 245 36.95 44.58 3.70
N PRO A 246 37.88 44.02 2.92
CA PRO A 246 38.65 42.86 3.39
C PRO A 246 39.74 43.30 4.37
N LYS A 247 39.64 42.82 5.60
CA LYS A 247 40.62 43.14 6.63
C LYS A 247 42.00 42.59 6.28
N GLN B 16 34.21 -1.86 21.68
CA GLN B 16 34.56 -3.27 21.74
C GLN B 16 33.98 -4.02 20.54
N VAL B 17 33.31 -3.28 19.66
CA VAL B 17 32.69 -3.89 18.48
C VAL B 17 33.79 -4.37 17.54
N GLN B 18 33.67 -5.61 17.09
CA GLN B 18 34.63 -6.20 16.17
C GLN B 18 34.01 -6.30 14.78
N LEU B 19 34.68 -5.70 13.79
CA LEU B 19 34.19 -5.68 12.42
C LEU B 19 35.29 -6.12 11.48
N GLN B 20 34.90 -6.84 10.43
CA GLN B 20 35.85 -7.36 9.46
C GLN B 20 35.19 -7.42 8.09
N GLU B 21 35.99 -7.20 7.05
CA GLU B 21 35.50 -7.23 5.68
C GLU B 21 36.45 -8.05 4.82
N SER B 22 35.89 -8.70 3.80
CA SER B 22 36.61 -9.63 2.95
C SER B 22 36.62 -9.12 1.51
N GLY B 23 37.14 -9.96 0.61
CA GLY B 23 37.29 -9.59 -0.77
C GLY B 23 38.56 -8.82 -1.04
N GLY B 24 38.91 -8.71 -2.31
CA GLY B 24 40.06 -7.94 -2.73
C GLY B 24 40.95 -8.76 -3.65
N GLY B 25 42.07 -8.17 -4.04
CA GLY B 25 43.03 -8.81 -4.91
C GLY B 25 43.18 -8.10 -6.24
N LEU B 26 43.65 -8.86 -7.23
CA LEU B 26 43.90 -8.35 -8.57
C LEU B 26 42.78 -8.80 -9.49
N VAL B 27 42.14 -7.84 -10.15
CA VAL B 27 40.99 -8.10 -11.03
C VAL B 27 41.21 -7.37 -12.34
N GLN B 28 40.96 -8.06 -13.45
CA GLN B 28 41.12 -7.45 -14.76
C GLN B 28 40.08 -6.35 -14.96
N PRO B 29 40.37 -5.36 -15.82
CA PRO B 29 39.39 -4.30 -16.07
C PRO B 29 38.08 -4.85 -16.59
N GLY B 30 36.99 -4.22 -16.15
CA GLY B 30 35.66 -4.63 -16.55
C GLY B 30 35.05 -5.74 -15.71
N GLY B 31 35.79 -6.28 -14.75
CA GLY B 31 35.29 -7.36 -13.93
C GLY B 31 34.35 -6.89 -12.83
N SER B 32 33.71 -7.85 -12.19
CA SER B 32 32.78 -7.60 -11.10
C SER B 32 33.34 -8.16 -9.82
N LEU B 33 33.24 -7.38 -8.74
CA LEU B 33 33.77 -7.77 -7.44
C LEU B 33 32.73 -7.47 -6.36
N ARG B 34 32.70 -8.32 -5.35
CA ARG B 34 31.79 -8.20 -4.23
C ARG B 34 32.60 -8.18 -2.94
N LEU B 35 32.34 -7.20 -2.09
CA LEU B 35 33.00 -7.08 -0.79
C LEU B 35 31.95 -7.02 0.31
N SER B 36 32.10 -7.88 1.32
CA SER B 36 31.15 -7.96 2.41
C SER B 36 31.80 -7.51 3.71
N CYS B 37 31.11 -6.65 4.43
CA CYS B 37 31.55 -6.15 5.74
C CYS B 37 30.58 -6.64 6.80
N ALA B 38 31.09 -7.35 7.80
CA ALA B 38 30.30 -7.90 8.88
C ALA B 38 30.87 -7.43 10.21
N ALA B 39 30.07 -7.56 11.26
CA ALA B 39 30.49 -7.08 12.57
C ALA B 39 29.68 -7.77 13.65
N SER B 40 30.18 -7.65 14.88
CA SER B 40 29.51 -8.18 16.06
C SER B 40 29.89 -7.32 17.26
N GLY B 41 28.94 -7.19 18.18
CA GLY B 41 29.11 -6.38 19.38
C GLY B 41 27.94 -5.48 19.69
N ARG B 42 27.16 -5.09 18.70
CA ARG B 42 26.00 -4.22 18.89
C ARG B 42 24.87 -4.70 18.00
N THR B 43 23.70 -4.09 18.20
CA THR B 43 22.54 -4.32 17.34
C THR B 43 22.73 -3.49 16.08
N ILE B 44 23.43 -4.07 15.09
CA ILE B 44 23.81 -3.35 13.88
C ILE B 44 22.61 -2.98 13.02
N SER B 45 21.49 -3.67 13.17
CA SER B 45 20.32 -3.43 12.31
C SER B 45 19.69 -2.06 12.54
N ARG B 46 20.07 -1.35 13.59
CA ARG B 46 19.52 -0.03 13.88
C ARG B 46 20.41 1.12 13.43
N TYR B 47 21.51 0.83 12.75
CA TYR B 47 22.51 1.84 12.39
C TYR B 47 22.63 1.93 10.87
N ALA B 48 23.60 2.72 10.42
CA ALA B 48 23.92 2.88 9.01
C ALA B 48 25.42 2.71 8.82
N MET B 49 25.81 2.12 7.69
CA MET B 49 27.22 1.79 7.48
C MET B 49 27.71 2.38 6.16
N SER B 50 28.96 2.83 6.18
CA SER B 50 29.54 3.56 5.06
C SER B 50 30.85 2.91 4.62
N TRP B 51 31.21 3.17 3.38
CA TRP B 51 32.42 2.65 2.76
C TRP B 51 33.34 3.82 2.42
N PHE B 52 34.64 3.61 2.61
CA PHE B 52 35.63 4.63 2.32
C PHE B 52 36.75 4.02 1.48
N ARG B 53 37.35 4.85 0.64
CA ARG B 53 38.36 4.40 -0.30
C ARG B 53 39.60 5.27 -0.16
N GLN B 54 40.76 4.66 0.00
CA GLN B 54 42.02 5.37 0.21
C GLN B 54 43.04 4.91 -0.80
N ALA B 55 43.60 5.85 -1.54
CA ALA B 55 44.66 5.60 -2.52
C ALA B 55 45.76 6.63 -2.32
N PRO B 56 47.00 6.30 -2.69
CA PRO B 56 48.09 7.27 -2.55
C PRO B 56 47.79 8.54 -3.32
N GLY B 57 48.08 9.68 -2.68
CA GLY B 57 47.74 10.98 -3.23
C GLY B 57 46.33 11.43 -2.96
N LYS B 58 45.51 10.61 -2.30
CA LYS B 58 44.13 10.96 -1.97
C LYS B 58 43.90 10.63 -0.50
N GLU B 59 43.25 11.55 0.22
CA GLU B 59 43.08 11.44 1.66
C GLU B 59 41.65 11.03 1.98
N ARG B 60 41.39 9.73 1.96
CA ARG B 60 40.18 9.13 2.54
C ARG B 60 38.90 9.71 1.92
N GLU B 61 38.73 9.42 0.63
CA GLU B 61 37.50 9.81 -0.04
C GLU B 61 36.34 8.94 0.44
N PHE B 62 35.13 9.40 0.13
CA PHE B 62 33.89 8.71 0.46
C PHE B 62 33.32 8.05 -0.79
N VAL B 63 32.69 6.89 -0.62
CA VAL B 63 32.20 6.12 -1.75
C VAL B 63 30.68 5.88 -1.67
N ALA B 64 30.23 5.20 -0.63
CA ALA B 64 28.83 4.80 -0.55
C ALA B 64 28.40 4.70 0.89
N VAL B 65 27.07 4.73 1.10
CA VAL B 65 26.51 4.62 2.44
C VAL B 65 25.14 3.97 2.35
N ALA B 66 24.86 3.07 3.28
CA ALA B 66 23.57 2.41 3.39
C ALA B 66 22.96 2.74 4.74
N ARG B 67 21.73 3.24 4.72
CA ARG B 67 21.05 3.72 5.91
C ARG B 67 20.23 2.59 6.53
N ARG B 68 19.40 2.92 7.51
CA ARG B 68 18.52 1.95 8.13
C ARG B 68 17.50 1.45 7.12
N SER B 69 17.08 0.19 7.28
CA SER B 69 16.18 -0.43 6.33
C SER B 69 14.91 0.39 6.17
N GLY B 70 14.51 0.62 4.92
CA GLY B 70 13.35 1.44 4.64
C GLY B 70 13.64 2.92 4.48
N ASP B 71 14.90 3.31 4.37
CA ASP B 71 15.27 4.71 4.21
C ASP B 71 15.95 4.99 2.89
N GLY B 72 16.96 4.21 2.52
CA GLY B 72 17.63 4.40 1.24
C GLY B 72 19.14 4.33 1.30
N ALA B 73 19.78 4.34 0.14
CA ALA B 73 21.23 4.30 0.04
C ALA B 73 21.72 5.48 -0.80
N PHE B 74 22.91 5.97 -0.49
CA PHE B 74 23.45 7.14 -1.15
C PHE B 74 24.87 6.88 -1.62
N TYR B 75 25.28 7.53 -2.70
CA TYR B 75 26.58 7.31 -3.31
C TYR B 75 27.20 8.64 -3.71
N ALA B 76 28.53 8.63 -3.84
CA ALA B 76 29.24 9.78 -4.35
C ALA B 76 29.14 9.82 -5.88
N ASP B 77 29.68 10.88 -6.47
CA ASP B 77 29.56 11.07 -7.91
C ASP B 77 30.47 10.14 -8.69
N SER B 78 31.62 9.77 -8.13
CA SER B 78 32.60 8.98 -8.87
C SER B 78 32.19 7.51 -9.01
N VAL B 79 31.31 7.02 -8.15
CA VAL B 79 30.94 5.61 -8.14
C VAL B 79 29.45 5.40 -8.35
N GLN B 80 28.72 6.45 -8.73
CA GLN B 80 27.28 6.32 -8.92
C GLN B 80 26.96 5.51 -10.16
N GLY B 81 26.07 4.53 -10.01
CA GLY B 81 25.68 3.66 -11.12
C GLY B 81 26.48 2.37 -11.23
N ARG B 82 27.81 2.48 -11.25
CA ARG B 82 28.65 1.30 -11.35
C ARG B 82 28.52 0.42 -10.11
N PHE B 83 28.47 1.04 -8.93
CA PHE B 83 28.46 0.30 -7.67
C PHE B 83 27.03 0.05 -7.21
N THR B 84 26.91 -0.67 -6.09
CA THR B 84 25.62 -0.91 -5.45
C THR B 84 25.86 -1.44 -4.04
N VAL B 85 25.21 -0.83 -3.07
CA VAL B 85 25.34 -1.24 -1.67
C VAL B 85 24.04 -1.87 -1.22
N SER B 86 24.15 -2.97 -0.48
CA SER B 86 22.99 -3.73 -0.03
C SER B 86 23.16 -4.10 1.43
N ARG B 87 22.02 -4.31 2.10
CA ARG B 87 21.99 -4.57 3.53
C ARG B 87 21.39 -5.93 3.79
N ASP B 88 21.91 -6.64 4.82
CA ASP B 88 21.37 -7.92 5.25
C ASP B 88 21.38 -7.92 6.77
N ASP B 89 20.27 -7.49 7.37
CA ASP B 89 20.19 -7.38 8.82
C ASP B 89 20.07 -8.74 9.50
N ALA B 90 19.62 -9.77 8.77
CA ALA B 90 19.54 -11.10 9.37
C ALA B 90 20.92 -11.63 9.73
N LYS B 91 21.89 -11.47 8.83
CA LYS B 91 23.26 -11.89 9.08
C LYS B 91 24.17 -10.75 9.51
N ASN B 92 23.62 -9.54 9.66
CA ASN B 92 24.39 -8.36 10.06
C ASN B 92 25.57 -8.14 9.11
N THR B 93 25.23 -7.89 7.84
CA THR B 93 26.24 -7.72 6.81
C THR B 93 25.85 -6.59 5.87
N VAL B 94 26.86 -5.97 5.26
CA VAL B 94 26.67 -5.05 4.16
C VAL B 94 27.48 -5.55 2.97
N TYR B 95 26.92 -5.40 1.78
CA TYR B 95 27.52 -5.87 0.55
C TYR B 95 27.77 -4.69 -0.37
N LEU B 96 28.95 -4.65 -0.99
CA LEU B 96 29.29 -3.65 -1.98
C LEU B 96 29.67 -4.36 -3.27
N GLN B 97 28.89 -4.13 -4.32
CA GLN B 97 29.11 -4.73 -5.63
C GLN B 97 29.63 -3.67 -6.58
N MET B 98 30.71 -3.98 -7.28
CA MET B 98 31.34 -3.07 -8.22
C MET B 98 31.54 -3.76 -9.55
N ASN B 99 31.32 -3.01 -10.64
CA ASN B 99 31.48 -3.53 -11.98
C ASN B 99 32.02 -2.43 -12.88
N SER B 100 32.52 -2.85 -14.06
CA SER B 100 33.06 -1.93 -15.07
C SER B 100 34.15 -1.03 -14.48
N LEU B 101 35.10 -1.66 -13.80
CA LEU B 101 36.11 -0.92 -13.08
C LEU B 101 37.07 -0.22 -14.03
N LYS B 102 37.87 0.67 -13.46
CA LYS B 102 38.87 1.46 -14.17
C LYS B 102 40.18 1.41 -13.40
N PRO B 103 41.31 1.66 -14.06
CA PRO B 103 42.61 1.53 -13.37
C PRO B 103 42.76 2.43 -12.15
N GLU B 104 42.09 3.59 -12.13
CA GLU B 104 42.22 4.50 -11.00
C GLU B 104 41.56 4.00 -9.72
N ASP B 105 40.75 2.93 -9.82
CA ASP B 105 40.04 2.43 -8.65
C ASP B 105 41.01 1.89 -7.60
N THR B 106 42.18 1.40 -8.03
CA THR B 106 43.12 0.67 -7.19
C THR B 106 43.35 1.36 -5.85
N ALA B 107 42.95 0.72 -4.76
CA ALA B 107 42.94 1.39 -3.46
C ALA B 107 42.61 0.40 -2.36
N VAL B 108 42.64 0.90 -1.12
CA VAL B 108 42.32 0.14 0.07
C VAL B 108 40.96 0.62 0.57
N TYR B 109 40.06 -0.32 0.85
CA TYR B 109 38.69 -0.02 1.21
C TYR B 109 38.47 -0.28 2.68
N TYR B 110 37.74 0.62 3.32
CA TYR B 110 37.46 0.58 4.75
C TYR B 110 35.96 0.60 4.98
N CYS B 111 35.51 -0.22 5.93
CA CYS B 111 34.13 -0.22 6.38
C CYS B 111 34.02 0.62 7.65
N ALA B 112 32.90 1.33 7.81
CA ALA B 112 32.71 2.16 8.98
C ALA B 112 31.26 2.12 9.41
N ILE B 113 31.04 2.24 10.72
CA ILE B 113 29.70 2.24 11.31
C ILE B 113 29.56 3.51 12.13
N ASP B 114 28.49 4.26 11.86
CA ASP B 114 28.27 5.53 12.54
C ASP B 114 27.79 5.29 13.97
N SER B 115 27.47 6.38 14.66
CA SER B 115 27.14 6.31 16.08
C SER B 115 25.85 7.04 16.46
N ASP B 116 25.17 7.68 15.54
CA ASP B 116 23.99 8.48 15.86
C ASP B 116 22.77 7.92 15.13
N THR B 117 21.64 7.85 15.86
CA THR B 117 20.40 7.39 15.27
C THR B 117 19.73 8.45 14.41
N PHE B 118 20.16 9.72 14.52
CA PHE B 118 19.66 10.79 13.68
C PHE B 118 20.57 11.06 12.49
N TYR B 119 21.44 10.12 12.17
CA TYR B 119 22.36 10.21 11.02
C TYR B 119 23.20 11.48 11.07
N SER B 120 23.74 11.77 12.26
CA SER B 120 24.59 12.94 12.41
C SER B 120 25.89 12.78 11.61
N GLY B 121 26.53 11.62 11.74
CA GLY B 121 27.70 11.33 10.94
C GLY B 121 28.99 11.19 11.71
N SER B 122 28.91 10.74 12.95
CA SER B 122 30.10 10.52 13.78
C SER B 122 30.64 9.12 13.53
N TYR B 123 31.92 9.03 13.19
CA TYR B 123 32.58 7.77 12.87
C TYR B 123 33.63 7.48 13.94
N ASP B 124 33.50 6.32 14.59
CA ASP B 124 34.42 5.94 15.67
C ASP B 124 35.04 4.57 15.48
N TYR B 125 34.31 3.61 14.93
CA TYR B 125 34.83 2.27 14.69
C TYR B 125 35.20 2.15 13.22
N TRP B 126 36.46 1.83 12.95
CA TRP B 126 36.99 1.76 11.59
C TRP B 126 37.64 0.41 11.35
N GLY B 127 37.48 -0.10 10.13
CA GLY B 127 37.99 -1.40 9.77
C GLY B 127 39.43 -1.37 9.34
N GLN B 128 39.94 -2.54 8.96
CA GLN B 128 41.31 -2.69 8.52
C GLN B 128 41.49 -2.44 7.04
N GLY B 129 40.49 -2.74 6.22
CA GLY B 129 40.55 -2.43 4.80
C GLY B 129 41.11 -3.57 3.97
N THR B 130 40.67 -3.62 2.73
CA THR B 130 41.14 -4.62 1.76
C THR B 130 41.72 -3.92 0.54
N GLN B 131 42.75 -4.52 -0.04
CA GLN B 131 43.44 -3.93 -1.17
C GLN B 131 42.88 -4.49 -2.48
N VAL B 132 42.55 -3.59 -3.41
CA VAL B 132 42.05 -3.98 -4.72
C VAL B 132 42.90 -3.30 -5.78
N THR B 133 43.43 -4.08 -6.71
CA THR B 133 44.20 -3.59 -7.84
C THR B 133 43.59 -4.10 -9.14
N VAL B 134 43.66 -3.28 -10.17
CA VAL B 134 43.10 -3.61 -11.48
C VAL B 134 44.06 -3.15 -12.57
N SER B 135 43.85 -3.68 -13.77
CA SER B 135 44.66 -3.37 -14.94
C SER B 135 46.13 -3.71 -14.70
N ASP C 21 -7.41 12.11 21.28
CA ASP C 21 -8.01 10.83 21.61
C ASP C 21 -7.64 9.77 20.58
N ILE C 22 -8.22 9.88 19.39
CA ILE C 22 -7.89 8.95 18.31
C ILE C 22 -6.61 9.43 17.65
N GLN C 23 -5.47 8.96 18.14
CA GLN C 23 -4.19 9.34 17.59
C GLN C 23 -3.95 8.62 16.27
N MET C 24 -3.15 9.24 15.39
CA MET C 24 -2.97 8.68 14.07
C MET C 24 -1.54 9.02 13.63
N THR C 25 -0.80 8.02 13.17
CA THR C 25 0.66 8.11 13.03
C THR C 25 1.10 7.92 11.59
N GLN C 26 2.07 8.73 11.17
CA GLN C 26 2.72 8.59 9.87
C GLN C 26 4.15 8.11 10.06
N SER C 27 4.50 7.01 9.37
CA SER C 27 5.81 6.39 9.61
C SER C 27 6.95 7.20 9.00
N PRO C 28 7.02 7.41 7.66
CA PRO C 28 8.21 8.05 7.10
C PRO C 28 8.14 9.56 7.14
N SER C 29 9.10 10.19 7.83
CA SER C 29 9.09 11.64 7.98
C SER C 29 9.57 12.35 6.71
N SER C 30 10.51 11.75 5.98
CA SER C 30 11.06 12.36 4.79
C SER C 30 11.47 11.29 3.80
N LEU C 31 11.21 11.55 2.52
CA LEU C 31 11.58 10.66 1.43
C LEU C 31 12.45 11.39 0.44
N SER C 32 13.51 10.73 -0.02
CA SER C 32 14.39 11.25 -1.05
C SER C 32 14.23 10.37 -2.28
N ALA C 33 13.43 10.84 -3.24
CA ALA C 33 13.12 10.07 -4.43
C ALA C 33 13.27 10.94 -5.66
N SER C 34 13.57 10.30 -6.79
CA SER C 34 13.82 10.98 -8.04
C SER C 34 12.66 10.78 -9.01
N VAL C 35 12.74 11.45 -10.14
CA VAL C 35 11.67 11.40 -11.14
C VAL C 35 11.57 10.00 -11.72
N GLY C 36 10.34 9.49 -11.80
CA GLY C 36 10.09 8.20 -12.40
C GLY C 36 9.99 7.04 -11.45
N ASP C 37 9.97 7.27 -10.14
CA ASP C 37 9.91 6.21 -9.15
C ASP C 37 8.53 6.15 -8.52
N ARG C 38 8.30 5.09 -7.75
CA ARG C 38 7.07 4.93 -6.99
C ARG C 38 7.34 5.19 -5.51
N VAL C 39 6.35 5.76 -4.83
CA VAL C 39 6.44 6.04 -3.40
C VAL C 39 5.20 5.46 -2.71
N THR C 40 5.39 5.05 -1.46
CA THR C 40 4.34 4.48 -0.63
C THR C 40 4.43 5.11 0.75
N ILE C 41 3.31 5.66 1.22
CA ILE C 41 3.24 6.28 2.54
C ILE C 41 2.14 5.58 3.33
N THR C 42 2.46 5.18 4.56
CA THR C 42 1.55 4.43 5.40
C THR C 42 1.11 5.25 6.60
N CYS C 43 -0.19 5.26 6.86
CA CYS C 43 -0.78 5.98 7.97
C CYS C 43 -1.55 4.97 8.81
N ARG C 44 -1.32 5.00 10.12
CA ARG C 44 -1.86 4.00 11.03
C ARG C 44 -2.79 4.68 12.04
N ALA C 45 -3.93 4.08 12.29
CA ALA C 45 -4.91 4.61 13.23
C ALA C 45 -4.85 3.82 14.53
N SER C 46 -5.11 4.52 15.63
CA SER C 46 -5.08 3.88 16.95
C SER C 46 -6.34 3.05 17.18
N GLN C 47 -7.50 3.71 17.22
CA GLN C 47 -8.77 3.00 17.31
C GLN C 47 -9.14 2.43 15.94
N SER C 48 -10.28 1.75 15.90
CA SER C 48 -10.74 1.11 14.66
C SER C 48 -11.75 2.00 13.97
N VAL C 49 -11.25 3.04 13.30
CA VAL C 49 -12.10 3.86 12.46
C VAL C 49 -12.42 3.09 11.18
N SER C 50 -13.52 3.50 10.54
CA SER C 50 -13.95 2.87 9.30
C SER C 50 -13.11 3.44 8.15
N SER C 51 -13.57 3.25 6.92
CA SER C 51 -12.84 3.75 5.77
C SER C 51 -12.78 5.27 5.72
N ALA C 52 -13.31 5.97 6.73
CA ALA C 52 -13.36 7.43 6.75
C ALA C 52 -11.95 7.99 7.00
N VAL C 53 -11.14 8.01 5.93
CA VAL C 53 -9.87 8.71 5.91
C VAL C 53 -9.75 9.46 4.61
N ALA C 54 -8.91 10.50 4.62
CA ALA C 54 -8.74 11.38 3.47
C ALA C 54 -7.28 11.81 3.38
N TRP C 55 -6.84 12.08 2.16
CA TRP C 55 -5.45 12.47 1.91
C TRP C 55 -5.38 13.86 1.33
N TYR C 56 -4.40 14.64 1.80
CA TYR C 56 -4.25 16.04 1.42
C TYR C 56 -2.80 16.33 1.04
N GLN C 57 -2.63 17.28 0.11
CA GLN C 57 -1.33 17.73 -0.35
C GLN C 57 -1.20 19.23 -0.13
N GLN C 58 -0.05 19.66 0.38
CA GLN C 58 0.23 21.06 0.64
C GLN C 58 1.61 21.42 0.13
N LYS C 59 1.69 22.51 -0.63
CA LYS C 59 2.89 23.16 -1.12
C LYS C 59 3.12 24.46 -0.35
N PRO C 60 4.36 24.93 -0.25
CA PRO C 60 4.64 26.11 0.59
C PRO C 60 3.85 27.33 0.14
N GLY C 61 3.36 28.09 1.11
CA GLY C 61 2.59 29.28 0.84
C GLY C 61 1.28 29.04 0.11
N LYS C 62 0.56 27.99 0.49
CA LYS C 62 -0.71 27.66 -0.15
C LYS C 62 -1.54 26.80 0.79
N ALA C 63 -2.85 26.81 0.56
CA ALA C 63 -3.77 26.03 1.36
C ALA C 63 -3.83 24.59 0.87
N PRO C 64 -4.17 23.64 1.75
CA PRO C 64 -4.21 22.24 1.33
C PRO C 64 -5.29 21.98 0.29
N LYS C 65 -5.00 20.98 -0.56
CA LYS C 65 -5.97 20.44 -1.49
C LYS C 65 -5.94 18.93 -1.39
N LEU C 66 -7.08 18.29 -1.62
CA LEU C 66 -7.28 16.90 -1.26
C LEU C 66 -7.33 16.00 -2.49
N LEU C 67 -6.91 14.75 -2.29
CA LEU C 67 -6.77 13.78 -3.37
C LEU C 67 -7.65 12.55 -3.20
N ILE C 68 -7.59 11.89 -2.05
CA ILE C 68 -8.14 10.55 -1.88
C ILE C 68 -9.22 10.58 -0.79
N TYR C 69 -10.38 9.98 -1.12
CA TYR C 69 -11.53 9.81 -0.25
C TYR C 69 -11.64 8.37 0.22
N SER C 70 -12.32 8.17 1.36
CA SER C 70 -12.84 6.87 1.80
C SER C 70 -11.82 5.75 1.69
N ALA C 71 -10.54 6.11 1.73
CA ALA C 71 -9.39 5.19 1.72
C ALA C 71 -9.20 4.52 0.36
N SER C 72 -10.19 4.64 -0.53
CA SER C 72 -9.97 4.29 -1.94
C SER C 72 -11.03 5.04 -2.75
N SER C 73 -10.68 6.25 -3.20
CA SER C 73 -11.56 7.03 -4.05
C SER C 73 -10.82 8.25 -4.57
N LEU C 74 -10.90 8.50 -5.87
CA LEU C 74 -10.21 9.63 -6.48
C LEU C 74 -11.12 10.84 -6.54
N TYR C 75 -10.56 12.01 -6.30
CA TYR C 75 -11.31 13.25 -6.44
C TYR C 75 -11.43 13.63 -7.91
N SER C 76 -12.13 14.73 -8.17
CA SER C 76 -12.38 15.19 -9.53
C SER C 76 -11.24 16.12 -9.95
N GLY C 77 -10.48 15.71 -10.96
CA GLY C 77 -9.40 16.49 -11.50
C GLY C 77 -8.02 16.07 -11.05
N VAL C 78 -7.90 15.31 -9.97
CA VAL C 78 -6.60 14.84 -9.51
C VAL C 78 -6.09 13.76 -10.47
N PRO C 79 -4.80 13.75 -10.83
CA PRO C 79 -4.29 12.73 -11.73
C PRO C 79 -4.48 11.33 -11.17
N SER C 80 -4.68 10.37 -12.08
CA SER C 80 -5.00 9.00 -11.72
C SER C 80 -3.81 8.20 -11.21
N ARG C 81 -2.62 8.81 -11.12
CA ARG C 81 -1.48 8.09 -10.57
C ARG C 81 -1.63 7.83 -9.09
N PHE C 82 -2.24 8.76 -8.35
CA PHE C 82 -2.44 8.58 -6.92
C PHE C 82 -3.43 7.46 -6.66
N SER C 83 -3.08 6.55 -5.77
CA SER C 83 -3.98 5.46 -5.41
C SER C 83 -3.96 5.26 -3.91
N GLY C 84 -5.07 4.75 -3.38
CA GLY C 84 -5.18 4.50 -1.97
C GLY C 84 -5.69 3.10 -1.69
N SER C 85 -5.31 2.58 -0.52
CA SER C 85 -5.69 1.23 -0.15
C SER C 85 -5.89 1.17 1.36
N ARG C 86 -6.75 0.25 1.79
CA ARG C 86 -7.10 0.07 3.19
C ARG C 86 -6.94 -1.39 3.58
N SER C 87 -6.44 -1.63 4.79
CA SER C 87 -6.33 -2.98 5.33
C SER C 87 -6.43 -2.87 6.84
N GLY C 88 -7.59 -3.26 7.38
CA GLY C 88 -7.82 -3.14 8.80
C GLY C 88 -7.76 -1.71 9.29
N THR C 89 -6.73 -1.39 10.07
CA THR C 89 -6.50 -0.03 10.54
C THR C 89 -5.24 0.59 9.94
N ASP C 90 -4.81 0.08 8.78
CA ASP C 90 -3.64 0.59 8.08
C ASP C 90 -4.08 1.13 6.73
N PHE C 91 -3.58 2.33 6.37
CA PHE C 91 -3.96 2.96 5.12
C PHE C 91 -2.71 3.32 4.33
N THR C 92 -2.75 3.07 3.03
CA THR C 92 -1.60 3.23 2.17
C THR C 92 -1.91 4.17 1.02
N LEU C 93 -1.03 5.14 0.80
CA LEU C 93 -1.09 6.01 -0.37
C LEU C 93 0.10 5.72 -1.27
N THR C 94 -0.18 5.43 -2.53
CA THR C 94 0.86 5.04 -3.48
C THR C 94 0.84 5.97 -4.68
N ILE C 95 2.04 6.38 -5.11
CA ILE C 95 2.23 7.15 -6.33
C ILE C 95 3.15 6.37 -7.25
N SER C 96 2.72 6.15 -8.49
CA SER C 96 3.45 5.32 -9.44
C SER C 96 4.50 6.11 -10.21
N SER C 97 4.17 7.33 -10.64
CA SER C 97 5.10 8.17 -11.37
C SER C 97 5.25 9.49 -10.62
N LEU C 98 6.50 9.91 -10.42
CA LEU C 98 6.82 11.12 -9.66
C LEU C 98 7.09 12.25 -10.64
N GLN C 99 6.06 13.00 -10.98
CA GLN C 99 6.26 14.20 -11.76
C GLN C 99 6.87 15.30 -10.90
N PRO C 100 7.53 16.29 -11.51
CA PRO C 100 8.14 17.36 -10.70
C PRO C 100 7.15 18.16 -9.88
N GLU C 101 5.86 18.15 -10.24
CA GLU C 101 4.86 18.87 -9.46
C GLU C 101 4.51 18.15 -8.16
N ASP C 102 4.95 16.91 -7.99
CA ASP C 102 4.57 16.09 -6.84
C ASP C 102 5.60 16.15 -5.71
N PHE C 103 6.29 17.28 -5.53
CA PHE C 103 7.22 17.46 -4.43
C PHE C 103 6.62 18.44 -3.44
N ALA C 104 5.98 17.91 -2.40
CA ALA C 104 5.30 18.72 -1.40
C ALA C 104 5.09 17.87 -0.16
N THR C 105 4.30 18.37 0.78
CA THR C 105 3.99 17.65 2.01
C THR C 105 2.60 17.01 1.90
N TYR C 106 2.43 15.86 2.53
CA TYR C 106 1.19 15.10 2.46
C TYR C 106 0.69 14.80 3.86
N TYR C 107 -0.64 14.76 4.02
CA TYR C 107 -1.27 14.54 5.31
C TYR C 107 -2.41 13.53 5.19
N CYS C 108 -2.60 12.75 6.25
CA CYS C 108 -3.68 11.80 6.37
C CYS C 108 -4.60 12.22 7.51
N GLN C 109 -5.90 12.28 7.24
CA GLN C 109 -6.88 12.76 8.21
C GLN C 109 -8.01 11.75 8.36
N GLN C 110 -8.51 11.60 9.59
CA GLN C 110 -9.70 10.83 9.88
C GLN C 110 -10.85 11.79 10.23
N TYR C 111 -12.03 11.50 9.70
CA TYR C 111 -13.20 12.37 9.85
C TYR C 111 -14.42 11.56 10.26
N LEU C 112 -14.27 10.75 11.31
CA LEU C 112 -15.37 9.91 11.77
C LEU C 112 -16.56 10.75 12.23
N TYR C 113 -16.31 11.86 12.92
CA TYR C 113 -17.38 12.74 13.36
C TYR C 113 -16.83 14.16 13.44
N TYR C 114 -17.74 15.13 13.58
CA TYR C 114 -17.36 16.54 13.50
C TYR C 114 -16.33 16.92 14.56
N SER C 115 -16.56 16.52 15.81
CA SER C 115 -15.71 16.93 16.91
C SER C 115 -14.54 16.00 17.15
N LEU C 116 -14.37 14.96 16.33
CA LEU C 116 -13.24 14.04 16.43
C LEU C 116 -12.50 14.09 15.09
N VAL C 117 -11.58 15.05 14.95
CA VAL C 117 -10.79 15.21 13.74
C VAL C 117 -9.33 15.29 14.14
N THR C 118 -8.50 14.41 13.58
CA THR C 118 -7.09 14.33 13.91
C THR C 118 -6.27 14.29 12.63
N PHE C 119 -5.15 15.00 12.64
CA PHE C 119 -4.26 15.10 11.48
C PHE C 119 -2.94 14.40 11.77
N GLY C 120 -2.30 13.93 10.71
CA GLY C 120 -0.98 13.37 10.84
C GLY C 120 0.11 14.42 10.91
N GLN C 121 1.33 13.96 11.22
CA GLN C 121 2.45 14.88 11.38
C GLN C 121 2.90 15.46 10.04
N GLY C 122 3.02 14.62 9.02
CA GLY C 122 3.42 15.09 7.71
C GLY C 122 4.63 14.36 7.14
N THR C 123 4.64 14.16 5.82
CA THR C 123 5.76 13.53 5.14
C THR C 123 6.21 14.44 4.01
N LYS C 124 7.51 14.73 3.96
CA LYS C 124 8.09 15.62 2.96
C LYS C 124 8.83 14.80 1.92
N VAL C 125 8.61 15.13 0.65
CA VAL C 125 9.26 14.46 -0.48
C VAL C 125 10.20 15.44 -1.13
N GLU C 126 11.46 15.04 -1.29
CA GLU C 126 12.49 15.90 -1.86
C GLU C 126 13.25 15.16 -2.94
N ILE C 127 14.05 15.91 -3.70
CA ILE C 127 14.82 15.34 -4.80
C ILE C 127 16.04 14.62 -4.25
N LYS C 128 16.56 13.67 -5.03
CA LYS C 128 17.76 12.91 -4.68
C LYS C 128 18.96 13.47 -5.43
N ARG C 129 20.13 13.34 -4.82
CA ARG C 129 21.37 13.89 -5.36
C ARG C 129 22.52 12.96 -4.98
N THR C 130 23.74 13.46 -5.15
CA THR C 130 24.95 12.76 -4.73
C THR C 130 25.55 13.45 -3.51
N VAL C 131 26.12 12.64 -2.62
CA VAL C 131 26.62 13.15 -1.34
C VAL C 131 27.79 14.10 -1.60
N ALA C 132 27.78 15.24 -0.93
CA ALA C 132 28.84 16.24 -1.03
C ALA C 132 29.11 16.82 0.35
N ALA C 133 30.38 16.99 0.68
CA ALA C 133 30.79 17.49 1.99
C ALA C 133 30.62 19.01 2.07
N PRO C 134 30.25 19.54 3.22
CA PRO C 134 30.11 21.00 3.34
C PRO C 134 31.44 21.72 3.31
N SER C 135 31.41 22.97 2.88
CA SER C 135 32.56 23.86 3.00
C SER C 135 32.31 24.82 4.15
N VAL C 136 33.31 25.02 5.00
CA VAL C 136 33.15 25.70 6.28
C VAL C 136 33.97 26.98 6.28
N PHE C 137 33.34 28.08 6.65
CA PHE C 137 34.02 29.37 6.82
C PHE C 137 33.69 29.93 8.19
N ILE C 138 34.53 30.84 8.67
CA ILE C 138 34.31 31.53 9.94
C ILE C 138 34.50 33.02 9.73
N PHE C 139 33.83 33.82 10.57
CA PHE C 139 33.98 35.27 10.53
C PHE C 139 34.10 35.84 11.94
N PRO C 140 35.18 36.55 12.25
CA PRO C 140 35.29 37.21 13.56
C PRO C 140 34.40 38.44 13.63
N PRO C 141 34.06 38.89 14.83
CA PRO C 141 33.22 40.10 14.95
C PRO C 141 33.95 41.35 14.48
N SER C 142 33.15 42.34 14.07
CA SER C 142 33.68 43.59 13.54
C SER C 142 33.89 44.62 14.65
N ASP C 143 34.61 45.69 14.30
CA ASP C 143 34.91 46.74 15.27
C ASP C 143 33.65 47.46 15.72
N SER C 144 32.75 47.77 14.78
CA SER C 144 31.49 48.42 15.15
C SER C 144 30.66 47.50 16.04
N GLN C 145 30.65 46.20 15.74
CA GLN C 145 29.94 45.26 16.59
C GLN C 145 30.51 45.27 18.00
N LEU C 146 31.84 45.25 18.14
CA LEU C 146 32.46 45.24 19.46
C LEU C 146 32.47 46.59 20.14
N LYS C 147 32.06 47.66 19.45
CA LYS C 147 31.79 48.92 20.12
C LYS C 147 30.31 49.15 20.40
N SER C 148 29.42 48.35 19.80
CA SER C 148 27.99 48.53 20.03
C SER C 148 27.60 48.07 21.43
N GLY C 149 28.08 46.91 21.86
CA GLY C 149 27.76 46.39 23.18
C GLY C 149 27.58 44.88 23.24
N THR C 150 27.38 44.25 22.09
CA THR C 150 27.21 42.82 21.99
C THR C 150 28.01 42.31 20.81
N ALA C 151 28.56 41.10 20.93
CA ALA C 151 29.38 40.53 19.87
C ALA C 151 28.76 39.23 19.38
N SER C 152 28.97 38.93 18.10
CA SER C 152 28.48 37.70 17.50
C SER C 152 29.53 37.12 16.59
N VAL C 153 29.75 35.82 16.70
CA VAL C 153 30.69 35.07 15.86
C VAL C 153 29.89 34.09 15.02
N VAL C 154 30.11 34.14 13.71
CA VAL C 154 29.32 33.36 12.75
C VAL C 154 30.24 32.38 12.04
N CYS C 155 29.74 31.16 11.81
CA CYS C 155 30.46 30.24 10.94
C CYS C 155 29.44 29.46 10.12
N LEU C 156 29.82 29.18 8.88
CA LEU C 156 28.92 28.92 7.78
C LEU C 156 29.29 27.64 7.05
N LEU C 157 28.29 26.81 6.77
CA LEU C 157 28.43 25.57 6.03
C LEU C 157 27.71 25.72 4.70
N ASN C 158 28.37 25.35 3.61
CA ASN C 158 27.87 25.59 2.28
C ASN C 158 27.86 24.31 1.45
N ASN C 159 26.80 24.14 0.66
CA ASN C 159 26.76 23.22 -0.47
C ASN C 159 27.03 21.77 -0.03
N PHE C 160 26.09 21.24 0.76
CA PHE C 160 26.16 19.85 1.16
C PHE C 160 24.82 19.17 0.92
N TYR C 161 24.89 17.87 0.59
CA TYR C 161 23.77 16.96 0.59
C TYR C 161 24.25 15.67 1.24
N PRO C 162 23.42 15.04 2.10
CA PRO C 162 22.07 15.41 2.53
C PRO C 162 22.04 16.51 3.60
N ARG C 163 20.90 16.66 4.26
CA ARG C 163 20.70 17.81 5.14
C ARG C 163 21.43 17.64 6.47
N GLU C 164 21.48 16.42 7.00
CA GLU C 164 21.97 16.20 8.36
C GLU C 164 23.43 16.59 8.49
N ALA C 165 23.69 17.51 9.42
CA ALA C 165 25.05 17.92 9.74
C ALA C 165 25.05 18.48 11.16
N LYS C 166 26.23 18.51 11.78
CA LYS C 166 26.36 19.01 13.13
C LYS C 166 27.53 19.97 13.23
N VAL C 167 27.36 20.99 14.07
CA VAL C 167 28.37 22.02 14.28
C VAL C 167 28.64 22.14 15.78
N GLN C 168 29.92 22.20 16.14
CA GLN C 168 30.33 22.29 17.54
C GLN C 168 31.22 23.50 17.72
N TRP C 169 30.90 24.32 18.74
CA TRP C 169 31.69 25.48 19.09
C TRP C 169 32.71 25.10 20.17
N LYS C 170 33.91 25.65 20.07
CA LYS C 170 34.94 25.43 21.07
C LYS C 170 35.62 26.74 21.42
N VAL C 171 35.66 27.06 22.70
CA VAL C 171 36.34 28.24 23.21
C VAL C 171 37.34 27.80 24.27
N ASP C 172 38.61 28.11 24.06
CA ASP C 172 39.69 27.73 24.98
C ASP C 172 39.67 26.24 25.27
N ASN C 173 39.36 25.45 24.23
CA ASN C 173 39.23 24.01 24.33
C ASN C 173 38.16 23.59 25.34
N ALA C 174 37.18 24.44 25.57
CA ALA C 174 36.09 24.18 26.51
C ALA C 174 34.76 24.22 25.76
N LEU C 175 34.02 23.13 25.79
CA LEU C 175 32.75 23.07 25.09
C LEU C 175 31.75 24.04 25.70
N GLN C 176 30.88 24.59 24.84
CA GLN C 176 29.87 25.55 25.25
C GLN C 176 28.52 25.11 24.72
N SER C 177 27.50 25.19 25.56
CA SER C 177 26.13 24.86 25.19
C SER C 177 25.25 26.08 25.38
N GLY C 178 24.28 26.26 24.47
CA GLY C 178 23.48 27.46 24.47
C GLY C 178 24.14 28.59 23.72
N ASN C 179 23.41 29.69 23.59
CA ASN C 179 23.85 30.91 22.91
C ASN C 179 24.18 30.68 21.44
N SER C 180 23.85 29.52 20.89
CA SER C 180 24.12 29.20 19.50
C SER C 180 22.80 29.04 18.75
N GLN C 181 22.68 29.73 17.63
CA GLN C 181 21.47 29.70 16.82
C GLN C 181 21.80 29.20 15.42
N GLU C 182 20.95 28.31 14.92
CA GLU C 182 21.15 27.61 13.65
C GLU C 182 20.06 28.00 12.67
N SER C 183 20.46 28.32 11.45
CA SER C 183 19.52 28.64 10.38
C SER C 183 19.85 27.82 9.15
N VAL C 184 18.81 27.32 8.47
CA VAL C 184 18.96 26.43 7.32
C VAL C 184 18.20 27.01 6.14
N THR C 185 18.55 26.52 4.95
CA THR C 185 17.98 26.98 3.69
C THR C 185 17.37 25.81 2.93
N GLU C 186 16.30 26.09 2.19
CA GLU C 186 15.64 25.07 1.40
C GLU C 186 16.52 24.63 0.23
N GLN C 187 16.04 23.65 -0.52
CA GLN C 187 16.82 23.11 -1.63
C GLN C 187 16.90 24.13 -2.77
N ASP C 188 18.12 24.42 -3.21
CA ASP C 188 18.32 25.32 -4.34
C ASP C 188 17.96 24.60 -5.63
N SER C 189 17.08 25.22 -6.42
CA SER C 189 16.61 24.58 -7.65
C SER C 189 17.73 24.33 -8.65
N LYS C 190 18.78 25.14 -8.63
CA LYS C 190 19.86 24.98 -9.59
C LYS C 190 20.62 23.67 -9.38
N ASP C 191 20.89 23.31 -8.12
CA ASP C 191 21.72 22.15 -7.85
C ASP C 191 21.20 21.23 -6.75
N SER C 192 20.08 21.55 -6.11
CA SER C 192 19.49 20.74 -5.04
C SER C 192 20.49 20.52 -3.89
N THR C 193 20.88 21.62 -3.27
CA THR C 193 21.84 21.63 -2.18
C THR C 193 21.29 22.45 -1.02
N TYR C 194 22.10 22.59 0.03
CA TYR C 194 21.70 23.30 1.24
C TYR C 194 22.78 24.28 1.67
N SER C 195 22.42 25.10 2.64
CA SER C 195 23.37 25.94 3.36
C SER C 195 22.89 26.07 4.79
N LEU C 196 23.83 26.31 5.70
CA LEU C 196 23.53 26.38 7.12
C LEU C 196 24.43 27.43 7.76
N SER C 197 23.90 28.12 8.77
CA SER C 197 24.65 29.15 9.46
C SER C 197 24.48 28.98 10.95
N SER C 198 25.59 29.12 11.69
CA SER C 198 25.57 29.07 13.14
C SER C 198 26.12 30.37 13.69
N THR C 199 25.36 31.02 14.57
CA THR C 199 25.75 32.28 15.17
C THR C 199 25.82 32.13 16.68
N LEU C 200 26.91 32.59 17.29
CA LEU C 200 27.13 32.53 18.72
C LEU C 200 27.24 33.95 19.26
N THR C 201 26.39 34.29 20.22
CA THR C 201 26.28 35.65 20.73
C THR C 201 26.85 35.72 22.13
N LEU C 202 27.69 36.73 22.38
CA LEU C 202 28.29 36.93 23.69
C LEU C 202 28.27 38.41 24.05
N SER C 203 28.42 38.66 25.34
CA SER C 203 28.63 40.00 25.86
C SER C 203 30.11 40.37 25.73
N LYS C 204 30.46 41.56 26.20
CA LYS C 204 31.81 42.07 25.97
C LYS C 204 32.82 41.33 26.83
N ALA C 205 32.50 41.11 28.11
CA ALA C 205 33.39 40.38 28.99
C ALA C 205 33.60 38.95 28.49
N ASP C 206 32.52 38.32 28.02
CA ASP C 206 32.61 36.95 27.54
C ASP C 206 33.57 36.83 26.36
N TYR C 207 33.51 37.79 25.44
CA TYR C 207 34.42 37.76 24.30
C TYR C 207 35.83 38.23 24.66
N GLU C 208 35.99 39.04 25.71
CA GLU C 208 37.30 39.60 25.99
C GLU C 208 38.15 38.71 26.90
N LYS C 209 37.56 38.02 27.88
CA LYS C 209 38.43 37.25 28.78
C LYS C 209 38.91 35.96 28.14
N HIS C 210 38.10 35.33 27.29
CA HIS C 210 38.54 34.15 26.58
C HIS C 210 39.42 34.54 25.39
N LYS C 211 40.20 33.57 24.91
CA LYS C 211 41.20 33.84 23.88
C LYS C 211 40.94 33.08 22.58
N VAL C 212 40.78 31.77 22.63
CA VAL C 212 40.76 30.93 21.44
C VAL C 212 39.33 30.63 21.03
N TYR C 213 39.05 30.71 19.73
CA TYR C 213 37.73 30.36 19.21
C TYR C 213 37.87 29.42 18.03
N ALA C 214 36.91 28.49 17.90
CA ALA C 214 36.91 27.59 16.77
C ALA C 214 35.53 26.97 16.61
N CYS C 215 35.22 26.56 15.39
CA CYS C 215 34.00 25.78 15.13
C CYS C 215 34.36 24.59 14.25
N GLU C 216 33.81 23.44 14.59
CA GLU C 216 34.07 22.19 13.87
C GLU C 216 32.76 21.63 13.34
N VAL C 217 32.85 20.87 12.25
CA VAL C 217 31.71 20.41 11.50
C VAL C 217 31.82 18.91 11.27
N THR C 218 30.70 18.21 11.41
CA THR C 218 30.62 16.78 11.18
C THR C 218 29.48 16.49 10.23
N HIS C 219 29.78 15.76 9.15
CA HIS C 219 28.81 15.38 8.13
C HIS C 219 29.09 13.96 7.69
N GLN C 220 28.08 13.31 7.12
CA GLN C 220 28.23 11.93 6.68
C GLN C 220 29.25 11.80 5.56
N GLY C 221 29.50 12.87 4.81
CA GLY C 221 30.50 12.84 3.77
C GLY C 221 31.91 13.12 4.21
N LEU C 222 32.11 13.42 5.49
CA LEU C 222 33.42 13.77 6.02
C LEU C 222 34.04 12.56 6.70
N SER C 223 35.31 12.28 6.36
CA SER C 223 36.02 11.19 7.03
C SER C 223 36.22 11.50 8.51
N SER C 224 36.71 12.69 8.82
CA SER C 224 36.86 13.16 10.19
C SER C 224 36.32 14.57 10.30
N PRO C 225 35.84 14.97 11.48
CA PRO C 225 35.31 16.33 11.64
C PRO C 225 36.34 17.38 11.27
N VAL C 226 35.88 18.45 10.65
CA VAL C 226 36.75 19.51 10.13
C VAL C 226 36.58 20.76 10.98
N THR C 227 37.68 21.27 11.51
CA THR C 227 37.65 22.40 12.44
C THR C 227 38.35 23.61 11.84
N LYS C 228 37.81 24.79 12.11
CA LYS C 228 38.42 26.05 11.68
C LYS C 228 38.48 26.97 12.89
N SER C 229 39.63 27.62 13.09
CA SER C 229 39.92 28.32 14.34
C SER C 229 40.50 29.69 14.07
N PHE C 230 40.36 30.57 15.07
CA PHE C 230 40.96 31.88 15.04
C PHE C 230 41.22 32.36 16.47
N ASN C 231 42.15 33.31 16.57
CA ASN C 231 42.56 33.93 17.82
C ASN C 231 42.47 35.44 17.67
N ARG C 232 42.91 36.16 18.70
CA ARG C 232 42.95 37.61 18.64
C ARG C 232 44.37 38.12 18.88
N LYS D 351 -7.35 -69.95 -14.84
CA LYS D 351 -7.86 -69.76 -16.19
C LYS D 351 -9.21 -69.05 -16.17
N ILE D 352 -9.35 -68.01 -17.00
CA ILE D 352 -10.59 -67.26 -17.07
C ILE D 352 -11.67 -68.12 -17.73
N THR D 353 -12.87 -68.08 -17.17
CA THR D 353 -13.99 -68.86 -17.64
C THR D 353 -15.05 -67.96 -18.26
N SER D 354 -15.99 -68.59 -18.96
CA SER D 354 -17.08 -67.87 -19.60
C SER D 354 -18.11 -67.34 -18.61
N ALA D 355 -18.10 -67.82 -17.37
CA ALA D 355 -19.04 -67.32 -16.37
C ALA D 355 -18.83 -65.83 -16.13
N PHE D 356 -17.57 -65.38 -16.08
CA PHE D 356 -17.31 -63.97 -15.91
C PHE D 356 -17.75 -63.18 -17.14
N LYS D 357 -17.68 -63.80 -18.32
CA LYS D 357 -18.22 -63.16 -19.52
C LYS D 357 -19.72 -62.95 -19.41
N TYR D 358 -20.44 -63.96 -18.93
CA TYR D 358 -21.88 -63.81 -18.73
C TYR D 358 -22.17 -62.74 -17.68
N ILE D 359 -21.37 -62.69 -16.62
CA ILE D 359 -21.54 -61.66 -15.60
C ILE D 359 -21.36 -60.28 -16.22
N ASN D 360 -20.33 -60.13 -17.03
CA ASN D 360 -20.07 -58.85 -17.67
C ASN D 360 -21.22 -58.44 -18.57
N THR D 361 -21.75 -59.37 -19.36
CA THR D 361 -22.81 -59.01 -20.29
C THR D 361 -24.10 -58.68 -19.55
N VAL D 362 -24.39 -59.38 -18.45
CA VAL D 362 -25.63 -59.08 -17.73
C VAL D 362 -25.52 -57.74 -17.01
N ILE D 363 -24.36 -57.43 -16.42
CA ILE D 363 -24.25 -56.13 -15.77
C ILE D 363 -24.23 -55.00 -16.79
N SER D 364 -23.74 -55.26 -18.00
CA SER D 364 -23.82 -54.25 -19.05
C SER D 364 -25.26 -53.99 -19.47
N CYS D 365 -26.04 -55.06 -19.67
CA CYS D 365 -27.45 -54.89 -19.98
C CYS D 365 -28.19 -54.18 -18.85
N THR D 366 -27.77 -54.40 -17.60
CA THR D 366 -28.43 -53.74 -16.48
C THR D 366 -28.08 -52.26 -16.41
N ILE D 367 -26.81 -51.92 -16.57
CA ILE D 367 -26.41 -50.52 -16.49
C ILE D 367 -27.06 -49.72 -17.63
N PHE D 368 -27.28 -50.36 -18.77
CA PHE D 368 -28.01 -49.66 -19.84
C PHE D 368 -29.38 -49.18 -19.37
N ILE D 369 -30.17 -50.09 -18.80
CA ILE D 369 -31.52 -49.74 -18.37
C ILE D 369 -31.47 -48.72 -17.24
N VAL D 370 -30.56 -48.92 -16.29
CA VAL D 370 -30.48 -48.01 -15.14
C VAL D 370 -30.13 -46.60 -15.61
N GLY D 371 -29.17 -46.46 -16.52
CA GLY D 371 -28.72 -45.16 -16.93
C GLY D 371 -29.55 -44.49 -18.01
N MET D 372 -30.46 -45.21 -18.67
CA MET D 372 -31.24 -44.56 -19.72
C MET D 372 -32.34 -43.68 -19.13
N VAL D 373 -33.29 -44.29 -18.41
CA VAL D 373 -34.49 -43.58 -17.98
C VAL D 373 -34.15 -42.50 -16.98
N GLY D 374 -33.14 -42.72 -16.13
CA GLY D 374 -32.79 -41.72 -15.14
C GLY D 374 -32.33 -40.42 -15.77
N ASN D 375 -31.42 -40.51 -16.73
CA ASN D 375 -30.97 -39.32 -17.44
C ASN D 375 -32.10 -38.70 -18.24
N ALA D 376 -32.95 -39.54 -18.85
CA ALA D 376 -34.07 -38.99 -19.61
C ALA D 376 -35.00 -38.17 -18.72
N THR D 377 -35.32 -38.70 -17.53
CA THR D 377 -36.25 -38.00 -16.65
C THR D 377 -35.60 -36.78 -16.01
N LEU D 378 -34.29 -36.81 -15.76
CA LEU D 378 -33.62 -35.62 -15.28
C LEU D 378 -33.66 -34.53 -16.34
N LEU D 379 -33.44 -34.89 -17.61
CA LEU D 379 -33.52 -33.90 -18.68
C LEU D 379 -34.94 -33.39 -18.86
N ARG D 380 -35.94 -34.24 -18.65
CA ARG D 380 -37.32 -33.76 -18.68
C ARG D 380 -37.59 -32.76 -17.56
N ILE D 381 -37.10 -33.05 -16.35
CA ILE D 381 -37.39 -32.19 -15.20
C ILE D 381 -36.66 -30.86 -15.32
N ILE D 382 -35.42 -30.87 -15.79
CA ILE D 382 -34.61 -29.66 -15.79
C ILE D 382 -35.26 -28.52 -16.57
N TYR D 383 -36.17 -28.84 -17.49
CA TYR D 383 -36.85 -27.82 -18.28
C TYR D 383 -38.37 -27.86 -18.17
N GLN D 384 -38.94 -28.90 -17.57
CA GLN D 384 -40.39 -28.96 -17.43
C GLN D 384 -40.89 -28.02 -16.34
N ASN D 385 -40.18 -27.94 -15.22
CA ASN D 385 -40.62 -27.13 -14.09
C ASN D 385 -40.08 -25.72 -14.21
N LYS D 386 -40.96 -24.73 -13.99
CA LYS D 386 -40.59 -23.33 -14.21
C LYS D 386 -39.61 -22.82 -13.16
N CYS D 387 -39.70 -23.33 -11.92
CA CYS D 387 -38.87 -22.86 -10.82
C CYS D 387 -37.59 -23.67 -10.67
N MET D 388 -37.05 -24.20 -11.77
CA MET D 388 -35.95 -25.14 -11.73
C MET D 388 -34.69 -24.61 -12.40
N ARG D 389 -34.82 -23.92 -13.54
CA ARG D 389 -33.65 -23.56 -14.34
C ARG D 389 -32.84 -22.46 -13.69
N ASN D 390 -31.54 -22.68 -13.56
CA ASN D 390 -30.58 -21.68 -13.13
C ASN D 390 -29.20 -22.12 -13.62
N GLY D 391 -28.15 -21.50 -13.09
CA GLY D 391 -26.81 -21.72 -13.59
C GLY D 391 -26.30 -23.15 -13.44
N PRO D 392 -26.08 -23.58 -12.19
CA PRO D 392 -25.53 -24.93 -11.99
C PRO D 392 -26.39 -26.05 -12.54
N ASN D 393 -27.71 -25.87 -12.55
CA ASN D 393 -28.60 -26.93 -13.02
C ASN D 393 -28.42 -27.20 -14.51
N ALA D 394 -28.15 -26.14 -15.29
CA ALA D 394 -27.89 -26.34 -16.70
C ALA D 394 -26.62 -27.16 -16.91
N LEU D 395 -25.59 -26.92 -16.11
CA LEU D 395 -24.38 -27.73 -16.20
C LEU D 395 -24.63 -29.17 -15.81
N ILE D 396 -25.47 -29.40 -14.80
CA ILE D 396 -25.84 -30.77 -14.45
C ILE D 396 -26.57 -31.44 -15.61
N ALA D 397 -27.46 -30.70 -16.28
CA ALA D 397 -28.16 -31.25 -17.43
C ALA D 397 -27.20 -31.58 -18.57
N SER D 398 -26.18 -30.74 -18.76
CA SER D 398 -25.15 -31.03 -19.76
C SER D 398 -24.41 -32.32 -19.42
N LEU D 399 -24.07 -32.50 -18.15
CA LEU D 399 -23.47 -33.76 -17.69
C LEU D 399 -24.35 -34.95 -18.05
N ALA D 400 -25.64 -34.83 -17.74
CA ALA D 400 -26.56 -35.93 -17.98
C ALA D 400 -26.69 -36.24 -19.47
N LEU D 401 -26.77 -35.22 -20.31
CA LEU D 401 -26.86 -35.45 -21.76
C LEU D 401 -25.58 -36.10 -22.30
N GLY D 402 -24.42 -35.64 -21.82
CA GLY D 402 -23.17 -36.25 -22.23
C GLY D 402 -23.11 -37.72 -21.89
N ASP D 403 -23.65 -38.09 -20.72
CA ASP D 403 -23.71 -39.52 -20.39
C ASP D 403 -24.74 -40.25 -21.24
N LEU D 404 -25.85 -39.58 -21.55
CA LEU D 404 -26.94 -40.23 -22.29
C LEU D 404 -26.50 -40.61 -23.69
N ILE D 405 -25.73 -39.74 -24.35
CA ILE D 405 -25.25 -40.08 -25.69
C ILE D 405 -24.43 -41.37 -25.65
N TYR D 406 -23.52 -41.47 -24.69
CA TYR D 406 -22.68 -42.65 -24.55
C TYR D 406 -23.53 -43.90 -24.31
N VAL D 407 -24.47 -43.82 -23.37
CA VAL D 407 -25.20 -45.04 -23.01
C VAL D 407 -26.17 -45.43 -24.12
N VAL D 408 -26.59 -44.47 -24.94
CA VAL D 408 -27.54 -44.80 -26.00
C VAL D 408 -26.86 -45.22 -27.29
N ILE D 409 -25.56 -44.97 -27.45
CA ILE D 409 -24.86 -45.37 -28.68
C ILE D 409 -23.93 -46.55 -28.44
N ASP D 410 -23.12 -46.51 -27.37
CA ASP D 410 -22.00 -47.43 -27.24
C ASP D 410 -22.35 -48.75 -26.57
N LEU D 411 -23.26 -48.75 -25.61
CA LEU D 411 -23.61 -49.99 -24.92
C LEU D 411 -24.13 -51.10 -25.85
N PRO D 412 -25.02 -50.84 -26.80
CA PRO D 412 -25.61 -51.95 -27.57
C PRO D 412 -24.69 -52.54 -28.62
N ILE D 413 -23.43 -52.11 -28.69
CA ILE D 413 -22.45 -52.79 -29.54
C ILE D 413 -21.48 -53.53 -28.64
N ASN D 414 -21.20 -52.97 -27.46
CA ASN D 414 -20.36 -53.66 -26.49
C ASN D 414 -21.01 -54.96 -26.02
N VAL D 415 -22.33 -54.93 -25.80
CA VAL D 415 -23.02 -56.14 -25.34
C VAL D 415 -22.89 -57.24 -26.38
N PHE D 416 -23.04 -56.92 -27.66
CA PHE D 416 -22.94 -57.95 -28.69
C PHE D 416 -21.50 -58.42 -28.84
N LYS D 417 -20.54 -57.48 -28.83
CA LYS D 417 -19.14 -57.86 -28.89
C LYS D 417 -18.77 -58.84 -27.78
N LEU D 418 -19.40 -58.69 -26.62
CA LEU D 418 -19.15 -59.66 -25.55
C LEU D 418 -19.92 -60.95 -25.76
N LEU D 419 -21.14 -60.88 -26.30
CA LEU D 419 -21.91 -62.09 -26.56
C LEU D 419 -21.24 -62.95 -27.63
N ALA D 420 -20.87 -62.33 -28.74
CA ALA D 420 -20.11 -62.98 -29.79
C ALA D 420 -18.62 -62.75 -29.53
N GLY D 421 -17.77 -63.01 -30.52
CA GLY D 421 -16.36 -62.71 -30.37
C GLY D 421 -15.83 -61.79 -31.46
N ARG D 422 -16.73 -61.08 -32.14
CA ARG D 422 -16.34 -60.26 -33.27
C ARG D 422 -17.06 -58.92 -33.21
N TRP D 423 -16.47 -57.93 -33.87
CA TRP D 423 -17.07 -56.62 -34.01
C TRP D 423 -18.24 -56.67 -34.99
N PRO D 424 -19.16 -55.72 -34.91
CA PRO D 424 -20.29 -55.70 -35.86
C PRO D 424 -19.80 -55.37 -37.27
N PHE D 425 -20.33 -56.11 -38.24
CA PHE D 425 -20.09 -55.85 -39.66
C PHE D 425 -18.60 -55.89 -39.99
N ASP D 426 -18.00 -57.07 -39.79
CA ASP D 426 -16.61 -57.25 -40.18
C ASP D 426 -16.44 -57.44 -41.68
N HIS D 427 -17.44 -58.04 -42.35
CA HIS D 427 -17.36 -58.32 -43.77
C HIS D 427 -17.99 -57.23 -44.63
N ASN D 428 -18.48 -56.15 -44.04
CA ASN D 428 -19.05 -55.04 -44.77
C ASN D 428 -18.23 -53.78 -44.52
N ASP D 429 -18.20 -52.90 -45.53
CA ASP D 429 -17.37 -51.70 -45.45
C ASP D 429 -17.86 -50.77 -44.34
N PHE D 430 -19.18 -50.68 -44.15
CA PHE D 430 -19.74 -49.77 -43.15
C PHE D 430 -19.23 -50.07 -41.76
N GLY D 431 -18.83 -51.32 -41.50
CA GLY D 431 -18.30 -51.67 -40.20
C GLY D 431 -17.01 -50.94 -39.85
N VAL D 432 -16.31 -50.43 -40.87
CA VAL D 432 -15.11 -49.64 -40.62
C VAL D 432 -15.46 -48.37 -39.85
N PHE D 433 -16.57 -47.72 -40.21
CA PHE D 433 -17.00 -46.52 -39.51
C PHE D 433 -17.26 -46.78 -38.04
N LEU D 434 -17.78 -47.95 -37.71
CA LEU D 434 -18.17 -48.26 -36.33
C LEU D 434 -16.99 -48.92 -35.61
N CYS D 435 -15.83 -48.30 -35.75
CA CYS D 435 -14.63 -48.74 -35.05
C CYS D 435 -13.84 -47.53 -34.56
N LYS D 436 -14.32 -46.35 -34.95
CA LYS D 436 -13.70 -45.09 -34.53
C LYS D 436 -14.65 -44.21 -33.73
N LEU D 437 -15.96 -44.43 -33.84
CA LEU D 437 -16.93 -43.74 -33.01
C LEU D 437 -16.81 -44.19 -31.55
N PHE D 438 -16.49 -45.47 -31.34
CA PHE D 438 -16.42 -46.03 -30.00
C PHE D 438 -15.46 -45.30 -29.08
N PRO D 439 -14.21 -45.02 -29.46
CA PRO D 439 -13.33 -44.29 -28.53
C PRO D 439 -13.68 -42.82 -28.44
N PHE D 440 -14.11 -42.26 -29.58
CA PHE D 440 -14.41 -40.83 -29.65
C PHE D 440 -15.50 -40.44 -28.67
N LEU D 441 -16.65 -41.12 -28.73
CA LEU D 441 -17.73 -40.81 -27.80
C LEU D 441 -17.32 -41.09 -26.36
N GLN D 442 -16.65 -42.21 -26.13
CA GLN D 442 -16.35 -42.66 -24.78
C GLN D 442 -15.39 -41.71 -24.07
N LYS D 443 -14.49 -41.07 -24.81
CA LYS D 443 -13.60 -40.11 -24.17
C LYS D 443 -14.14 -38.68 -24.21
N SER D 444 -14.95 -38.34 -25.21
CA SER D 444 -15.60 -37.03 -25.22
C SER D 444 -16.52 -36.87 -24.03
N SER D 445 -17.26 -37.94 -23.68
CA SER D 445 -18.10 -37.90 -22.49
C SER D 445 -17.31 -37.52 -21.25
N VAL D 446 -16.16 -38.17 -21.05
CA VAL D 446 -15.37 -37.92 -19.84
C VAL D 446 -14.82 -36.51 -19.85
N GLY D 447 -14.37 -36.03 -21.01
CA GLY D 447 -13.89 -34.65 -21.08
C GLY D 447 -14.97 -33.66 -20.70
N ILE D 448 -16.18 -33.86 -21.23
CA ILE D 448 -17.31 -32.99 -20.89
C ILE D 448 -17.54 -33.01 -19.39
N THR D 449 -17.57 -34.20 -18.79
CA THR D 449 -17.88 -34.31 -17.38
C THR D 449 -16.85 -33.59 -16.52
N VAL D 450 -15.57 -33.81 -16.81
CA VAL D 450 -14.49 -33.22 -16.02
C VAL D 450 -14.53 -31.70 -16.12
N LEU D 451 -14.64 -31.18 -17.34
CA LEU D 451 -14.63 -29.73 -17.52
C LEU D 451 -15.86 -29.08 -16.87
N ASN D 452 -17.01 -29.77 -16.94
CA ASN D 452 -18.22 -29.25 -16.30
C ASN D 452 -18.06 -29.20 -14.78
N LEU D 453 -17.44 -30.24 -14.20
CA LEU D 453 -17.21 -30.22 -12.76
C LEU D 453 -16.30 -29.06 -12.37
N CYS D 454 -15.25 -28.82 -13.14
CA CYS D 454 -14.36 -27.69 -12.84
C CYS D 454 -15.10 -26.36 -12.94
N ALA D 455 -15.94 -26.21 -13.97
CA ALA D 455 -16.73 -24.98 -14.11
C ALA D 455 -17.68 -24.81 -12.94
N LEU D 456 -18.29 -25.91 -12.48
CA LEU D 456 -19.17 -25.84 -11.31
C LEU D 456 -18.41 -25.38 -10.08
N SER D 457 -17.18 -25.88 -9.89
CA SER D 457 -16.40 -25.46 -8.73
C SER D 457 -16.11 -23.96 -8.79
N VAL D 458 -15.70 -23.47 -9.97
CA VAL D 458 -15.42 -22.04 -10.11
C VAL D 458 -16.68 -21.22 -9.87
N ASP D 459 -17.81 -21.66 -10.43
CA ASP D 459 -19.06 -20.94 -10.24
C ASP D 459 -19.49 -20.92 -8.78
N ARG D 460 -19.34 -22.03 -8.06
CA ARG D 460 -19.69 -22.09 -6.65
C ARG D 460 -18.78 -21.22 -5.81
N TYR D 461 -17.51 -21.07 -6.18
CA TYR D 461 -16.66 -20.11 -5.48
C TYR D 461 -17.08 -18.68 -5.76
N ARG D 462 -17.44 -18.35 -7.00
CA ARG D 462 -17.97 -17.02 -7.28
C ARG D 462 -19.31 -16.78 -6.61
N ALA D 463 -20.02 -17.85 -6.24
CA ALA D 463 -21.33 -17.70 -5.61
C ALA D 463 -21.24 -16.95 -4.30
N VAL D 464 -20.18 -17.20 -3.52
CA VAL D 464 -19.86 -16.37 -2.37
C VAL D 464 -18.46 -15.81 -2.61
N ALA D 465 -18.39 -14.71 -3.35
CA ALA D 465 -17.27 -13.78 -3.32
C ALA D 465 -17.72 -12.33 -3.37
N SER D 466 -18.96 -12.06 -3.76
CA SER D 466 -19.60 -10.75 -3.72
C SER D 466 -21.03 -10.94 -3.24
N TRP D 467 -21.19 -11.68 -2.15
CA TRP D 467 -22.49 -12.16 -1.69
C TRP D 467 -23.52 -11.03 -1.57
N SER D 468 -23.06 -9.79 -1.38
CA SER D 468 -23.98 -8.66 -1.41
C SER D 468 -24.68 -8.54 -2.76
N ARG D 469 -23.92 -8.68 -3.85
CA ARG D 469 -24.50 -8.58 -5.18
C ARG D 469 -25.55 -9.65 -5.39
N VAL D 470 -26.67 -9.26 -5.98
CA VAL D 470 -27.78 -10.16 -6.27
C VAL D 470 -27.84 -10.39 -7.78
N GLN D 471 -28.46 -11.49 -8.16
CA GLN D 471 -28.59 -11.89 -9.56
C GLN D 471 -30.07 -11.91 -9.95
N GLY D 472 -30.33 -12.31 -11.18
CA GLY D 472 -31.67 -12.38 -11.73
C GLY D 472 -32.21 -13.80 -11.72
N ILE D 473 -32.88 -14.17 -12.82
CA ILE D 473 -33.48 -15.49 -12.95
C ILE D 473 -33.10 -16.07 -14.30
N GLY D 474 -33.22 -17.38 -14.42
CA GLY D 474 -32.94 -18.07 -15.66
C GLY D 474 -31.45 -18.30 -15.87
N ILE D 475 -31.14 -18.87 -17.03
CA ILE D 475 -29.75 -19.16 -17.38
C ILE D 475 -29.03 -17.86 -17.71
N PRO D 476 -27.91 -17.55 -17.06
CA PRO D 476 -27.19 -16.30 -17.38
C PRO D 476 -26.67 -16.30 -18.81
N LEU D 477 -26.24 -15.12 -19.25
CA LEU D 477 -25.71 -14.97 -20.59
C LEU D 477 -24.39 -15.72 -20.75
N VAL D 478 -23.52 -15.64 -19.74
CA VAL D 478 -22.20 -16.27 -19.83
C VAL D 478 -22.28 -17.80 -19.78
N THR D 479 -23.25 -18.35 -19.04
CA THR D 479 -23.28 -19.81 -18.84
C THR D 479 -23.53 -20.55 -20.15
N ALA D 480 -24.37 -20.01 -21.03
CA ALA D 480 -24.63 -20.69 -22.29
C ALA D 480 -23.36 -20.80 -23.14
N ILE D 481 -22.63 -19.70 -23.28
CA ILE D 481 -21.39 -19.76 -24.03
C ILE D 481 -20.38 -20.63 -23.30
N GLU D 482 -20.46 -20.70 -21.97
CA GLU D 482 -19.55 -21.56 -21.22
C GLU D 482 -19.79 -23.03 -21.54
N ILE D 483 -21.06 -23.45 -21.56
CA ILE D 483 -21.35 -24.85 -21.85
C ILE D 483 -21.02 -25.17 -23.31
N VAL D 484 -21.27 -24.22 -24.22
CA VAL D 484 -20.92 -24.45 -25.62
C VAL D 484 -19.41 -24.61 -25.76
N SER D 485 -18.63 -23.77 -25.08
CA SER D 485 -17.19 -23.87 -25.12
C SER D 485 -16.71 -25.18 -24.53
N ILE D 486 -17.33 -25.63 -23.43
CA ILE D 486 -16.96 -26.91 -22.83
C ILE D 486 -17.19 -28.05 -23.81
N TRP D 487 -18.37 -28.06 -24.44
CA TRP D 487 -18.69 -29.12 -25.40
C TRP D 487 -17.68 -29.14 -26.53
N ILE D 488 -17.42 -27.98 -27.14
CA ILE D 488 -16.56 -27.93 -28.32
C ILE D 488 -15.12 -28.27 -27.94
N LEU D 489 -14.66 -27.79 -26.77
CA LEU D 489 -13.30 -28.09 -26.34
C LEU D 489 -13.12 -29.56 -26.05
N SER D 490 -14.11 -30.20 -25.41
CA SER D 490 -14.02 -31.64 -25.17
C SER D 490 -13.98 -32.41 -26.48
N PHE D 491 -14.86 -32.07 -27.42
CA PHE D 491 -14.88 -32.77 -28.70
C PHE D 491 -13.56 -32.60 -29.44
N ILE D 492 -13.01 -31.38 -29.45
CA ILE D 492 -11.76 -31.13 -30.15
C ILE D 492 -10.60 -31.86 -29.46
N LEU D 493 -10.56 -31.82 -28.14
CA LEU D 493 -9.48 -32.48 -27.41
C LEU D 493 -9.53 -33.99 -27.59
N ALA D 494 -10.72 -34.53 -27.87
CA ALA D 494 -10.86 -35.96 -28.10
C ALA D 494 -10.44 -36.39 -29.51
N ILE D 495 -9.97 -35.47 -30.35
CA ILE D 495 -9.69 -35.81 -31.75
C ILE D 495 -8.60 -36.87 -31.92
N PRO D 496 -7.48 -36.83 -31.19
CA PRO D 496 -6.35 -37.70 -31.57
C PRO D 496 -6.57 -39.16 -31.24
N GLU D 497 -7.79 -39.57 -30.89
CA GLU D 497 -8.03 -40.97 -30.58
C GLU D 497 -8.72 -41.68 -31.75
N ALA D 498 -9.62 -41.00 -32.44
CA ALA D 498 -10.32 -41.62 -33.56
C ALA D 498 -9.38 -41.93 -34.70
N ILE D 499 -8.43 -41.04 -34.98
CA ILE D 499 -7.50 -41.26 -36.08
C ILE D 499 -6.54 -42.39 -35.71
N GLY D 500 -6.20 -43.21 -36.70
CA GLY D 500 -5.29 -44.30 -36.52
C GLY D 500 -5.90 -45.59 -36.03
N PHE D 501 -7.11 -45.54 -35.45
CA PHE D 501 -7.77 -46.75 -35.00
C PHE D 501 -8.25 -47.53 -36.23
N VAL D 502 -7.49 -48.54 -36.62
CA VAL D 502 -7.72 -49.24 -37.87
C VAL D 502 -8.12 -50.68 -37.57
N MET D 503 -8.79 -51.29 -38.54
CA MET D 503 -9.16 -52.70 -38.46
C MET D 503 -8.07 -53.52 -39.15
N VAL D 504 -7.37 -54.34 -38.39
CA VAL D 504 -6.21 -55.09 -38.86
C VAL D 504 -6.65 -56.53 -39.15
N PRO D 505 -6.16 -57.14 -40.22
CA PRO D 505 -6.56 -58.53 -40.52
C PRO D 505 -5.85 -59.54 -39.62
N PHE D 506 -6.48 -60.70 -39.49
CA PHE D 506 -5.91 -61.79 -38.72
C PHE D 506 -6.55 -63.11 -39.16
N GLU D 507 -5.83 -64.20 -38.92
CA GLU D 507 -6.24 -65.52 -39.39
C GLU D 507 -6.75 -66.38 -38.24
N TYR D 508 -7.78 -67.16 -38.51
CA TYR D 508 -8.39 -67.99 -37.48
C TYR D 508 -9.23 -69.08 -38.16
N ARG D 509 -8.92 -70.34 -37.86
CA ARG D 509 -9.64 -71.48 -38.43
C ARG D 509 -9.55 -71.49 -39.96
N GLY D 510 -8.46 -70.97 -40.49
CA GLY D 510 -8.32 -70.85 -41.93
C GLY D 510 -9.17 -69.79 -42.57
N GLU D 511 -9.59 -68.78 -41.81
CA GLU D 511 -10.43 -67.70 -42.31
C GLU D 511 -9.79 -66.36 -41.97
N GLN D 512 -10.00 -65.37 -42.83
CA GLN D 512 -9.39 -64.05 -42.68
C GLN D 512 -10.44 -63.08 -42.16
N HIS D 513 -10.26 -62.59 -40.94
CA HIS D 513 -11.20 -61.70 -40.30
C HIS D 513 -10.45 -60.45 -39.81
N LYS D 514 -11.15 -59.61 -39.06
CA LYS D 514 -10.65 -58.31 -38.67
C LYS D 514 -10.66 -58.16 -37.16
N THR D 515 -9.81 -57.26 -36.66
CA THR D 515 -9.77 -56.94 -35.25
C THR D 515 -9.36 -55.47 -35.13
N CYS D 516 -10.09 -54.72 -34.32
CA CYS D 516 -9.91 -53.27 -34.28
C CYS D 516 -8.84 -52.91 -33.26
N MET D 517 -7.87 -52.09 -33.67
CA MET D 517 -6.75 -51.77 -32.80
C MET D 517 -6.05 -50.52 -33.33
N LEU D 518 -5.18 -49.96 -32.50
CA LEU D 518 -4.39 -48.79 -32.85
C LEU D 518 -3.10 -49.24 -33.51
N ASN D 519 -2.86 -48.81 -34.74
CA ASN D 519 -1.68 -49.18 -35.51
C ASN D 519 -0.95 -47.93 -35.98
N ALA D 520 0.39 -48.00 -35.96
CA ALA D 520 1.22 -46.84 -36.25
C ALA D 520 1.05 -46.37 -37.69
N THR D 521 0.96 -45.05 -37.86
CA THR D 521 0.86 -44.44 -39.18
C THR D 521 1.90 -43.33 -39.41
N SER D 522 2.21 -42.53 -38.39
CA SER D 522 3.12 -41.42 -38.53
C SER D 522 3.84 -41.18 -37.20
N LYS D 523 4.95 -40.43 -37.28
CA LYS D 523 5.85 -40.30 -36.13
C LYS D 523 5.13 -39.71 -34.92
N PHE D 524 4.35 -38.64 -35.13
CA PHE D 524 3.71 -37.98 -34.00
C PHE D 524 2.71 -38.90 -33.31
N MET D 525 1.91 -39.64 -34.07
CA MET D 525 0.98 -40.55 -33.41
C MET D 525 1.69 -41.80 -32.93
N GLU D 526 2.88 -42.09 -33.48
CA GLU D 526 3.69 -43.18 -32.93
C GLU D 526 4.14 -42.86 -31.51
N PHE D 527 4.70 -41.67 -31.28
CA PHE D 527 5.12 -41.34 -29.93
C PHE D 527 3.93 -41.01 -29.05
N TYR D 528 2.83 -40.55 -29.67
CA TYR D 528 1.57 -40.40 -28.94
C TYR D 528 1.06 -41.75 -28.43
N GLN D 529 1.32 -42.82 -29.17
CA GLN D 529 0.96 -44.15 -28.72
C GLN D 529 1.76 -44.57 -27.49
N ASP D 530 2.81 -43.83 -27.15
CA ASP D 530 3.65 -44.15 -26.01
C ASP D 530 3.49 -43.17 -24.85
N VAL D 531 2.68 -42.12 -25.01
CA VAL D 531 2.52 -41.14 -23.94
C VAL D 531 1.04 -40.91 -23.61
N LYS D 532 0.15 -41.51 -24.40
CA LYS D 532 -1.28 -41.28 -24.19
C LYS D 532 -1.73 -41.82 -22.83
N ASP D 533 -1.09 -42.87 -22.33
CA ASP D 533 -1.44 -43.40 -21.03
C ASP D 533 -1.18 -42.37 -19.93
N TRP D 534 -0.04 -41.67 -20.03
CA TRP D 534 0.23 -40.60 -19.08
C TRP D 534 -0.68 -39.41 -19.33
N TRP D 535 -1.02 -39.15 -20.60
CA TRP D 535 -1.92 -38.05 -20.93
C TRP D 535 -3.27 -38.20 -20.25
N LEU D 536 -3.85 -39.41 -20.31
CA LEU D 536 -5.16 -39.61 -19.70
C LEU D 536 -5.10 -39.38 -18.19
N PHE D 537 -4.13 -39.98 -17.52
CA PHE D 537 -4.03 -39.87 -16.06
C PHE D 537 -3.72 -38.44 -15.64
N GLY D 538 -2.99 -37.68 -16.45
CA GLY D 538 -2.66 -36.32 -16.08
C GLY D 538 -3.71 -35.29 -16.43
N PHE D 539 -4.57 -35.58 -17.39
CA PHE D 539 -5.60 -34.63 -17.81
C PHE D 539 -6.96 -34.92 -17.18
N TYR D 540 -7.40 -36.17 -17.18
CA TYR D 540 -8.72 -36.51 -16.68
C TYR D 540 -8.74 -36.91 -15.21
N PHE D 541 -7.61 -36.92 -14.53
CA PHE D 541 -7.62 -37.27 -13.11
C PHE D 541 -6.80 -36.32 -12.25
N CYS D 542 -5.77 -35.70 -12.83
CA CYS D 542 -4.87 -34.87 -12.03
C CYS D 542 -5.36 -33.44 -11.91
N MET D 543 -5.65 -32.80 -13.05
CA MET D 543 -6.14 -31.42 -13.02
C MET D 543 -7.46 -31.26 -12.28
N PRO D 544 -8.49 -32.08 -12.49
CA PRO D 544 -9.79 -31.78 -11.85
C PRO D 544 -9.75 -31.90 -10.34
N LEU D 545 -9.11 -32.96 -9.82
CA LEU D 545 -9.07 -33.13 -8.38
C LEU D 545 -8.35 -31.98 -7.71
N VAL D 546 -7.19 -31.60 -8.24
CA VAL D 546 -6.41 -30.51 -7.67
C VAL D 546 -7.18 -29.20 -7.75
N CYS D 547 -7.79 -28.92 -8.90
CA CYS D 547 -8.51 -27.67 -9.07
C CYS D 547 -9.70 -27.58 -8.13
N THR D 548 -10.48 -28.66 -8.03
CA THR D 548 -11.65 -28.66 -7.14
C THR D 548 -11.22 -28.52 -5.69
N ALA D 549 -10.16 -29.23 -5.28
CA ALA D 549 -9.70 -29.12 -3.91
C ALA D 549 -9.22 -27.71 -3.60
N ILE D 550 -8.46 -27.11 -4.52
CA ILE D 550 -7.93 -25.77 -4.29
C ILE D 550 -9.06 -24.76 -4.18
N PHE D 551 -10.03 -24.84 -5.08
CA PHE D 551 -11.13 -23.86 -5.06
C PHE D 551 -12.04 -24.10 -3.86
N TYR D 552 -12.23 -25.36 -3.48
CA TYR D 552 -13.07 -25.64 -2.32
C TYR D 552 -12.52 -24.97 -1.07
N THR D 553 -11.20 -25.05 -0.85
CA THR D 553 -10.60 -24.44 0.33
C THR D 553 -10.74 -22.91 0.35
N LEU D 554 -10.57 -22.24 -0.78
CA LEU D 554 -10.73 -20.79 -0.83
C LEU D 554 -12.15 -20.41 -0.46
N MET D 555 -13.13 -21.15 -0.97
CA MET D 555 -14.49 -20.87 -0.62
C MET D 555 -14.65 -21.01 0.87
N THR D 556 -14.10 -22.08 1.43
CA THR D 556 -14.35 -22.31 2.84
C THR D 556 -13.76 -21.16 3.66
N CYS D 557 -12.64 -20.62 3.22
CA CYS D 557 -12.03 -19.50 3.94
C CYS D 557 -12.89 -18.24 3.90
N GLU D 558 -13.35 -17.85 2.71
CA GLU D 558 -14.16 -16.65 2.58
C GLU D 558 -15.45 -16.74 3.36
N ALA D 559 -16.21 -17.81 3.18
CA ALA D 559 -17.48 -17.92 3.84
C ALA D 559 -17.27 -17.75 5.33
N ARG D 560 -16.14 -18.21 5.84
CA ARG D 560 -15.89 -18.15 7.29
C ARG D 560 -15.69 -16.75 7.83
N ARG D 561 -14.85 -15.97 7.18
CA ARG D 561 -14.55 -14.63 7.67
C ARG D 561 -15.80 -13.76 7.67
N GLN D 562 -16.49 -13.71 6.54
CA GLN D 562 -17.65 -12.86 6.44
C GLN D 562 -18.56 -13.01 7.66
N LEU D 563 -19.02 -14.21 7.93
CA LEU D 563 -19.89 -14.47 9.06
C LEU D 563 -19.27 -13.96 10.35
N ALA D 564 -17.95 -14.13 10.51
CA ALA D 564 -17.28 -13.62 11.70
C ALA D 564 -17.38 -12.11 11.78
N ASP D 565 -17.20 -11.42 10.65
CA ASP D 565 -17.32 -9.96 10.64
C ASP D 565 -18.73 -9.52 10.99
N LEU D 566 -19.74 -10.19 10.44
CA LEU D 566 -21.13 -9.85 10.73
C LEU D 566 -21.42 -10.02 12.22
N GLU D 567 -20.97 -11.15 12.79
CA GLU D 567 -21.18 -11.39 14.21
C GLU D 567 -20.45 -10.36 15.06
N ASP D 568 -19.23 -9.98 14.66
CA ASP D 568 -18.50 -8.97 15.41
C ASP D 568 -19.22 -7.64 15.41
N ASN D 569 -19.72 -7.20 14.25
CA ASN D 569 -20.44 -5.93 14.20
C ASN D 569 -21.70 -5.96 15.05
N TRP D 570 -22.50 -7.03 14.91
CA TRP D 570 -23.74 -7.12 15.68
C TRP D 570 -23.46 -7.17 17.18
N GLU D 571 -22.46 -7.95 17.59
CA GLU D 571 -22.14 -8.07 18.99
C GLU D 571 -21.61 -6.76 19.57
N THR D 572 -20.79 -6.02 18.81
CA THR D 572 -20.27 -4.77 19.34
C THR D 572 -21.39 -3.73 19.44
N LEU D 573 -22.33 -3.74 18.50
CA LEU D 573 -23.52 -2.89 18.62
C LEU D 573 -24.26 -3.21 19.91
N ASN D 574 -24.59 -4.48 20.13
CA ASN D 574 -25.38 -4.86 21.30
C ASN D 574 -24.65 -4.56 22.60
N ASP D 575 -23.36 -4.89 22.66
CA ASP D 575 -22.59 -4.70 23.89
C ASP D 575 -22.42 -3.22 24.22
N ASN D 576 -22.15 -2.38 23.22
CA ASN D 576 -22.03 -0.95 23.51
C ASN D 576 -23.36 -0.35 23.90
N LEU D 577 -24.47 -0.84 23.32
CA LEU D 577 -25.77 -0.38 23.78
C LEU D 577 -25.99 -0.76 25.24
N LYS D 578 -25.61 -1.99 25.62
CA LYS D 578 -25.72 -2.41 27.00
C LYS D 578 -24.87 -1.54 27.92
N VAL D 579 -23.66 -1.18 27.47
CA VAL D 579 -22.78 -0.33 28.28
C VAL D 579 -23.41 1.04 28.49
N ILE D 580 -23.97 1.62 27.42
CA ILE D 580 -24.59 2.94 27.54
C ILE D 580 -25.83 2.88 28.42
N GLU D 581 -26.51 1.72 28.46
CA GLU D 581 -27.75 1.61 29.23
C GLU D 581 -27.57 2.05 30.68
N LYS D 582 -26.40 1.79 31.27
CA LYS D 582 -26.14 2.09 32.68
C LYS D 582 -24.81 2.83 32.84
N ALA D 583 -24.60 3.87 32.02
CA ALA D 583 -23.40 4.66 32.10
C ALA D 583 -23.51 5.68 33.24
N ASP D 584 -22.41 6.41 33.47
CA ASP D 584 -22.37 7.41 34.53
C ASP D 584 -21.77 8.75 34.14
N ASN D 585 -20.95 8.82 33.09
CA ASN D 585 -20.27 10.05 32.73
C ASN D 585 -20.21 10.20 31.21
N ALA D 586 -19.89 11.42 30.77
CA ALA D 586 -19.95 11.75 29.35
C ALA D 586 -18.84 11.08 28.55
N ALA D 587 -17.68 10.87 29.15
CA ALA D 587 -16.56 10.29 28.42
C ALA D 587 -16.87 8.88 27.94
N GLN D 588 -17.42 8.04 28.81
CA GLN D 588 -17.75 6.67 28.44
C GLN D 588 -18.87 6.65 27.40
N VAL D 589 -19.86 7.53 27.55
CA VAL D 589 -20.93 7.61 26.56
C VAL D 589 -20.38 7.98 25.20
N LYS D 590 -19.48 8.97 25.16
CA LYS D 590 -18.89 9.37 23.89
C LYS D 590 -18.08 8.24 23.27
N ASP D 591 -17.29 7.53 24.09
CA ASP D 591 -16.49 6.43 23.55
C ASP D 591 -17.37 5.32 22.98
N ALA D 592 -18.41 4.94 23.73
CA ALA D 592 -19.30 3.87 23.27
C ALA D 592 -20.05 4.28 22.01
N LEU D 593 -20.50 5.53 21.94
CA LEU D 593 -21.18 6.00 20.74
C LEU D 593 -20.23 6.06 19.55
N THR D 594 -18.96 6.37 19.79
CA THR D 594 -17.98 6.32 18.70
C THR D 594 -17.83 4.91 18.17
N LYS D 595 -17.73 3.93 19.07
CA LYS D 595 -17.65 2.53 18.63
C LYS D 595 -18.90 2.13 17.87
N MET D 596 -20.07 2.56 18.34
CA MET D 596 -21.32 2.21 17.67
C MET D 596 -21.40 2.83 16.29
N ARG D 597 -20.93 4.07 16.13
CA ARG D 597 -20.94 4.71 14.82
C ARG D 597 -20.01 4.00 13.85
N ALA D 598 -18.82 3.64 14.32
CA ALA D 598 -17.90 2.88 13.46
C ALA D 598 -18.52 1.55 13.04
N ALA D 599 -19.18 0.88 13.98
CA ALA D 599 -19.84 -0.39 13.68
C ALA D 599 -20.94 -0.21 12.65
N ALA D 600 -21.77 0.83 12.81
CA ALA D 600 -22.86 1.07 11.86
C ALA D 600 -22.34 1.34 10.46
N LEU D 601 -21.29 2.17 10.35
CA LEU D 601 -20.73 2.44 9.03
C LEU D 601 -20.16 1.17 8.39
N ASP D 602 -19.43 0.38 9.19
CA ASP D 602 -18.83 -0.83 8.63
C ASP D 602 -19.89 -1.86 8.23
N ALA D 603 -20.97 -1.95 9.01
CA ALA D 603 -22.04 -2.89 8.67
C ALA D 603 -22.80 -2.43 7.43
N GLN D 604 -23.04 -1.13 7.29
CA GLN D 604 -23.72 -0.62 6.10
C GLN D 604 -22.85 -0.83 4.86
N LYS D 605 -21.53 -0.68 4.99
CA LYS D 605 -20.65 -0.86 3.85
C LYS D 605 -20.81 -2.25 3.24
N ALA D 606 -21.12 -3.25 4.07
CA ALA D 606 -21.31 -4.61 3.59
C ALA D 606 -22.77 -4.92 3.26
N THR D 607 -23.67 -3.93 3.33
CA THR D 607 -25.08 -4.15 3.04
C THR D 607 -25.38 -3.89 1.57
N PRO D 608 -25.95 -4.85 0.86
CA PRO D 608 -26.28 -4.65 -0.55
C PRO D 608 -27.40 -3.64 -0.71
N PRO D 609 -27.47 -2.95 -1.86
CA PRO D 609 -28.55 -1.98 -2.12
C PRO D 609 -29.89 -2.66 -2.33
N ASP D 623 -33.76 -0.70 1.14
CA ASP D 623 -34.59 -0.87 2.33
C ASP D 623 -33.73 -0.87 3.59
N PHE D 624 -32.68 -1.70 3.58
CA PHE D 624 -31.79 -1.78 4.75
C PHE D 624 -30.84 -0.58 4.81
N ARG D 625 -30.47 -0.01 3.66
CA ARG D 625 -29.63 1.17 3.67
C ARG D 625 -30.34 2.34 4.35
N HIS D 626 -31.65 2.47 4.12
CA HIS D 626 -32.43 3.49 4.82
C HIS D 626 -32.39 3.26 6.33
N GLY D 627 -32.49 2.00 6.75
CA GLY D 627 -32.41 1.69 8.17
C GLY D 627 -31.07 2.07 8.77
N PHE D 628 -29.98 1.80 8.04
CA PHE D 628 -28.66 2.16 8.56
C PHE D 628 -28.45 3.67 8.57
N ASP D 629 -28.99 4.39 7.59
CA ASP D 629 -28.92 5.85 7.62
C ASP D 629 -29.67 6.41 8.82
N ILE D 630 -30.86 5.87 9.12
CA ILE D 630 -31.60 6.31 10.28
C ILE D 630 -30.82 6.00 11.56
N LEU D 631 -30.21 4.81 11.62
CA LEU D 631 -29.40 4.45 12.78
C LEU D 631 -28.26 5.44 13.01
N VAL D 632 -27.56 5.80 11.93
CA VAL D 632 -26.45 6.74 12.06
C VAL D 632 -26.97 8.11 12.49
N GLY D 633 -28.12 8.52 11.98
CA GLY D 633 -28.70 9.78 12.41
C GLY D 633 -29.01 9.82 13.90
N GLN D 634 -29.62 8.75 14.41
CA GLN D 634 -29.94 8.71 15.84
C GLN D 634 -28.68 8.66 16.69
N ILE D 635 -27.66 7.92 16.24
CA ILE D 635 -26.39 7.90 16.96
C ILE D 635 -25.78 9.30 16.99
N ASP D 636 -25.87 10.04 15.88
CA ASP D 636 -25.35 11.40 15.84
C ASP D 636 -26.10 12.32 16.80
N ASP D 637 -27.43 12.15 16.88
CA ASP D 637 -28.19 12.95 17.83
C ASP D 637 -27.76 12.67 19.26
N ALA D 638 -27.56 11.38 19.59
CA ALA D 638 -27.08 11.03 20.92
C ALA D 638 -25.70 11.62 21.20
N LEU D 639 -24.81 11.57 20.20
CA LEU D 639 -23.47 12.12 20.37
C LEU D 639 -23.51 13.62 20.60
N LYS D 640 -24.38 14.32 19.86
CA LYS D 640 -24.51 15.77 20.06
C LYS D 640 -25.02 16.09 21.46
N LEU D 641 -26.03 15.34 21.92
CA LEU D 641 -26.56 15.59 23.27
C LEU D 641 -25.50 15.31 24.33
N ALA D 642 -24.71 14.26 24.14
CA ALA D 642 -23.62 13.99 25.07
C ALA D 642 -22.56 15.07 25.05
N ASN D 643 -22.23 15.57 23.85
CA ASN D 643 -21.20 16.60 23.74
C ASN D 643 -21.65 17.92 24.35
N GLU D 644 -22.95 18.20 24.33
CA GLU D 644 -23.43 19.43 24.96
C GLU D 644 -23.16 19.43 26.46
N GLY D 645 -23.21 18.27 27.10
CA GLY D 645 -22.87 18.17 28.51
C GLY D 645 -23.96 17.61 29.40
N LYS D 646 -24.84 16.79 28.84
CA LYS D 646 -25.91 16.14 29.59
C LYS D 646 -25.79 14.63 29.45
N VAL D 647 -26.33 13.93 30.44
CA VAL D 647 -26.27 12.48 30.52
C VAL D 647 -27.62 11.84 30.24
N LYS D 648 -28.67 12.32 30.91
CA LYS D 648 -29.98 11.67 30.81
C LYS D 648 -30.53 11.74 29.40
N GLU D 649 -30.37 12.89 28.73
CA GLU D 649 -30.84 13.02 27.36
C GLU D 649 -30.10 12.04 26.45
N ALA D 650 -28.82 11.81 26.71
CA ALA D 650 -28.09 10.79 25.96
C ALA D 650 -28.68 9.41 26.20
N GLN D 651 -29.10 9.12 27.43
CA GLN D 651 -29.73 7.84 27.72
C GLN D 651 -31.03 7.68 26.94
N ALA D 652 -31.84 8.74 26.89
CA ALA D 652 -33.09 8.66 26.12
C ALA D 652 -32.82 8.49 24.64
N ALA D 653 -31.84 9.22 24.11
CA ALA D 653 -31.51 9.10 22.69
C ALA D 653 -31.01 7.70 22.35
N ALA D 654 -30.19 7.12 23.23
CA ALA D 654 -29.74 5.74 23.02
C ALA D 654 -30.90 4.75 23.11
N GLU D 655 -31.83 4.98 24.04
CA GLU D 655 -33.02 4.15 24.13
C GLU D 655 -33.85 4.22 22.85
N GLN D 656 -33.82 5.37 22.17
CA GLN D 656 -34.55 5.51 20.91
C GLN D 656 -34.05 4.55 19.84
N LEU D 657 -32.85 4.01 19.99
CA LEU D 657 -32.28 3.13 18.97
C LEU D 657 -32.90 1.73 18.97
N LYS D 658 -33.60 1.36 20.04
CA LYS D 658 -34.11 -0.01 20.17
C LYS D 658 -35.15 -0.33 19.11
N THR D 659 -36.04 0.62 18.81
CA THR D 659 -37.09 0.36 17.84
C THR D 659 -36.51 0.12 16.45
N THR D 660 -35.54 0.96 16.04
CA THR D 660 -34.89 0.75 14.75
C THR D 660 -34.10 -0.55 14.73
N ARG D 661 -33.45 -0.89 15.84
CA ARG D 661 -32.71 -2.15 15.89
C ARG D 661 -33.62 -3.35 15.76
N ASN D 662 -34.79 -3.32 16.42
CA ASN D 662 -35.72 -4.43 16.40
C ASN D 662 -36.63 -4.43 15.18
N ALA D 663 -36.61 -3.38 14.36
CA ALA D 663 -37.43 -3.33 13.16
C ALA D 663 -36.66 -3.70 11.90
N TYR D 664 -35.46 -3.14 11.71
CA TYR D 664 -34.71 -3.30 10.46
C TYR D 664 -33.57 -4.29 10.56
N ILE D 665 -32.67 -4.11 11.52
CA ILE D 665 -31.40 -4.82 11.50
C ILE D 665 -31.58 -6.31 11.75
N GLN D 666 -32.52 -6.67 12.63
CA GLN D 666 -32.74 -8.08 12.93
C GLN D 666 -33.18 -8.86 11.69
N LYS D 667 -34.10 -8.29 10.91
CA LYS D 667 -34.54 -8.95 9.69
C LYS D 667 -33.39 -9.11 8.70
N TYR D 668 -32.55 -8.07 8.59
CA TYR D 668 -31.40 -8.14 7.70
C TYR D 668 -30.45 -9.25 8.12
N LEU D 669 -30.17 -9.36 9.42
CA LEU D 669 -29.29 -10.41 9.90
C LEU D 669 -29.88 -11.80 9.64
N GLU D 670 -31.17 -11.94 9.88
CA GLU D 670 -31.84 -13.21 9.64
C GLU D 670 -31.70 -13.65 8.19
N ARG D 671 -32.15 -12.82 7.27
CA ARG D 671 -32.05 -13.15 5.86
C ARG D 671 -30.63 -13.49 5.46
N ALA D 672 -29.67 -12.72 5.90
CA ALA D 672 -28.29 -12.95 5.47
C ALA D 672 -27.82 -14.32 5.87
N ARG D 673 -28.04 -14.69 7.13
CA ARG D 673 -27.64 -16.01 7.60
C ARG D 673 -28.32 -17.09 6.79
N SER D 674 -29.62 -16.97 6.58
CA SER D 674 -30.36 -17.99 5.86
C SER D 674 -29.88 -18.16 4.44
N THR D 675 -29.63 -17.05 3.77
CA THR D 675 -29.14 -17.10 2.41
C THR D 675 -27.83 -17.86 2.34
N LEU D 676 -26.93 -17.61 3.26
CA LEU D 676 -25.62 -18.23 3.18
C LEU D 676 -25.69 -19.71 3.48
N LYS D 677 -26.69 -20.12 4.24
CA LYS D 677 -26.98 -21.52 4.41
C LYS D 677 -27.28 -22.15 3.07
N GLN D 678 -28.15 -21.54 2.29
CA GLN D 678 -28.52 -22.09 1.00
C GLN D 678 -27.35 -22.15 0.04
N ARG D 679 -26.52 -21.13 0.05
CA ARG D 679 -25.40 -21.10 -0.88
C ARG D 679 -24.55 -22.33 -0.65
N ARG D 680 -24.39 -22.74 0.60
CA ARG D 680 -23.54 -23.88 0.91
C ARG D 680 -24.11 -25.21 0.41
N GLU D 681 -25.40 -25.44 0.60
CA GLU D 681 -26.02 -26.66 0.15
C GLU D 681 -25.64 -26.99 -1.29
N VAL D 682 -25.68 -26.02 -2.18
CA VAL D 682 -25.30 -26.18 -3.59
C VAL D 682 -23.84 -26.63 -3.69
N ALA D 683 -22.96 -26.00 -2.91
CA ALA D 683 -21.57 -26.44 -2.89
C ALA D 683 -21.45 -27.90 -2.48
N LYS D 684 -22.27 -28.33 -1.52
CA LYS D 684 -22.24 -29.70 -1.07
C LYS D 684 -22.59 -30.67 -2.19
N THR D 685 -23.65 -30.37 -2.95
CA THR D 685 -24.01 -31.27 -4.05
C THR D 685 -22.90 -31.34 -5.10
N VAL D 686 -22.31 -30.18 -5.43
CA VAL D 686 -21.26 -30.16 -6.45
C VAL D 686 -20.06 -30.99 -6.03
N PHE D 687 -19.57 -30.77 -4.82
CA PHE D 687 -18.37 -31.47 -4.40
C PHE D 687 -18.62 -32.93 -4.06
N CYS D 688 -19.85 -33.30 -3.66
CA CYS D 688 -20.19 -34.71 -3.56
C CYS D 688 -20.10 -35.39 -4.92
N LEU D 689 -20.60 -34.73 -5.97
CA LEU D 689 -20.43 -35.29 -7.31
C LEU D 689 -18.96 -35.46 -7.67
N VAL D 690 -18.15 -34.46 -7.31
CA VAL D 690 -16.71 -34.54 -7.62
C VAL D 690 -16.07 -35.73 -6.93
N VAL D 691 -16.39 -35.93 -5.65
CA VAL D 691 -15.75 -37.01 -4.90
C VAL D 691 -16.23 -38.37 -5.42
N ILE D 692 -17.49 -38.49 -5.82
CA ILE D 692 -17.96 -39.76 -6.34
C ILE D 692 -17.28 -40.06 -7.68
N PHE D 693 -17.08 -39.05 -8.52
CA PHE D 693 -16.37 -39.26 -9.77
C PHE D 693 -14.94 -39.72 -9.53
N ALA D 694 -14.23 -39.07 -8.61
CA ALA D 694 -12.86 -39.46 -8.33
C ALA D 694 -12.79 -40.89 -7.81
N LEU D 695 -13.70 -41.24 -6.91
CA LEU D 695 -13.71 -42.61 -6.36
C LEU D 695 -13.96 -43.63 -7.45
N CYS D 696 -14.89 -43.35 -8.37
CA CYS D 696 -15.19 -44.32 -9.42
C CYS D 696 -14.05 -44.45 -10.42
N TRP D 697 -13.35 -43.35 -10.73
CA TRP D 697 -12.37 -43.41 -11.81
C TRP D 697 -10.95 -43.70 -11.34
N PHE D 698 -10.70 -43.70 -10.02
CA PHE D 698 -9.36 -44.03 -9.52
C PHE D 698 -8.90 -45.45 -9.86
N PRO D 699 -9.68 -46.52 -9.64
CA PRO D 699 -9.11 -47.87 -9.71
C PRO D 699 -8.52 -48.26 -11.06
N LEU D 700 -9.19 -47.95 -12.17
CA LEU D 700 -8.67 -48.36 -13.47
C LEU D 700 -7.34 -47.67 -13.77
N HIS D 701 -7.24 -46.38 -13.48
CA HIS D 701 -5.99 -45.66 -13.72
C HIS D 701 -4.86 -46.21 -12.86
N LEU D 702 -5.14 -46.49 -11.59
CA LEU D 702 -4.11 -47.11 -10.75
C LEU D 702 -3.70 -48.46 -11.32
N SER D 703 -4.66 -49.27 -11.76
CA SER D 703 -4.33 -50.60 -12.27
C SER D 703 -3.43 -50.51 -13.50
N ARG D 704 -3.78 -49.64 -14.43
CA ARG D 704 -2.99 -49.53 -15.66
C ARG D 704 -1.59 -48.99 -15.35
N ILE D 705 -1.48 -47.97 -14.50
CA ILE D 705 -0.17 -47.42 -14.18
C ILE D 705 0.69 -48.47 -13.48
N LEU D 706 0.12 -49.20 -12.53
CA LEU D 706 0.89 -50.21 -11.81
C LEU D 706 1.31 -51.33 -12.75
N LYS D 707 0.43 -51.79 -13.63
CA LYS D 707 0.79 -52.84 -14.57
C LYS D 707 1.91 -52.39 -15.49
N LYS D 708 1.86 -51.14 -15.96
CA LYS D 708 2.93 -50.65 -16.82
C LYS D 708 4.25 -50.54 -16.05
N THR D 709 4.20 -50.07 -14.81
CA THR D 709 5.43 -49.72 -14.09
C THR D 709 5.97 -50.86 -13.23
N VAL D 710 5.19 -51.33 -12.25
CA VAL D 710 5.74 -52.21 -11.23
C VAL D 710 5.86 -53.66 -11.70
N TYR D 711 5.15 -54.04 -12.77
CA TYR D 711 5.21 -55.42 -13.23
C TYR D 711 6.60 -55.74 -13.77
N ASN D 712 7.16 -56.86 -13.32
CA ASN D 712 8.50 -57.29 -13.73
C ASN D 712 8.40 -58.64 -14.42
N GLU D 713 9.00 -58.74 -15.62
CA GLU D 713 8.97 -60.00 -16.36
C GLU D 713 9.84 -61.06 -15.70
N MET D 714 10.94 -60.66 -15.07
CA MET D 714 11.87 -61.61 -14.46
C MET D 714 11.32 -62.24 -13.19
N ASP D 715 10.21 -61.74 -12.65
CA ASP D 715 9.66 -62.29 -11.42
C ASP D 715 9.21 -63.74 -11.63
N LYS D 716 9.53 -64.59 -10.66
CA LYS D 716 9.15 -66.00 -10.75
C LYS D 716 7.65 -66.17 -10.57
N ASN D 717 7.06 -65.46 -9.59
CA ASN D 717 5.63 -65.55 -9.30
C ASN D 717 4.82 -64.49 -10.04
N ARG D 718 5.31 -64.02 -11.20
CA ARG D 718 4.58 -63.00 -11.94
C ARG D 718 3.31 -63.53 -12.59
N CYS D 719 3.17 -64.85 -12.71
CA CYS D 719 1.98 -65.40 -13.36
C CYS D 719 0.75 -65.29 -12.47
N GLU D 720 0.78 -65.93 -11.30
CA GLU D 720 -0.37 -65.93 -10.42
C GLU D 720 -0.79 -64.51 -10.04
N LEU D 721 0.19 -63.66 -9.70
CA LEU D 721 -0.11 -62.26 -9.44
C LEU D 721 -0.86 -61.64 -10.61
N LEU D 722 -0.36 -61.84 -11.84
CA LEU D 722 -1.07 -61.35 -13.02
C LEU D 722 -2.46 -61.96 -13.09
N SER D 723 -2.58 -63.25 -12.80
CA SER D 723 -3.89 -63.89 -12.77
C SER D 723 -4.84 -63.17 -11.83
N PHE D 724 -4.32 -62.69 -10.70
CA PHE D 724 -5.11 -61.81 -9.84
C PHE D 724 -5.32 -60.45 -10.50
N LEU D 725 -4.22 -59.84 -10.97
CA LEU D 725 -4.29 -58.46 -11.46
C LEU D 725 -5.31 -58.30 -12.57
N LEU D 726 -5.24 -59.15 -13.60
CA LEU D 726 -6.22 -59.08 -14.67
C LEU D 726 -7.64 -59.07 -14.10
N LEU D 727 -7.91 -59.97 -13.16
CA LEU D 727 -9.25 -60.05 -12.59
C LEU D 727 -9.68 -58.71 -12.01
N MET D 728 -8.82 -58.08 -11.20
CA MET D 728 -9.22 -56.81 -10.62
C MET D 728 -9.42 -55.76 -11.71
N ASP D 729 -8.55 -55.76 -12.71
CA ASP D 729 -8.75 -54.84 -13.83
C ASP D 729 -10.06 -55.13 -14.54
N TYR D 730 -10.42 -56.41 -14.66
CA TYR D 730 -11.65 -56.76 -15.34
C TYR D 730 -12.88 -56.27 -14.59
N ILE D 731 -12.71 -55.84 -13.34
CA ILE D 731 -13.79 -55.14 -12.66
C ILE D 731 -13.54 -53.64 -12.61
N GLY D 732 -12.27 -53.21 -12.60
CA GLY D 732 -11.99 -51.79 -12.52
C GLY D 732 -12.59 -51.01 -13.67
N ILE D 733 -12.37 -51.48 -14.90
CA ILE D 733 -13.07 -50.92 -16.06
C ILE D 733 -14.56 -50.82 -15.78
N ASN D 734 -15.16 -51.92 -15.32
CA ASN D 734 -16.60 -51.93 -15.06
C ASN D 734 -16.97 -50.83 -14.10
N LEU D 735 -16.16 -50.63 -13.05
CA LEU D 735 -16.44 -49.57 -12.09
C LEU D 735 -16.59 -48.23 -12.80
N ALA D 736 -15.64 -47.90 -13.67
CA ALA D 736 -15.74 -46.65 -14.42
C ALA D 736 -17.07 -46.55 -15.14
N THR D 737 -17.48 -47.63 -15.82
CA THR D 737 -18.74 -47.62 -16.55
C THR D 737 -19.90 -47.29 -15.64
N MET D 738 -19.92 -47.87 -14.43
CA MET D 738 -21.02 -47.64 -13.51
C MET D 738 -21.19 -46.16 -13.21
N ASN D 739 -20.11 -45.38 -13.25
CA ASN D 739 -20.21 -43.95 -12.97
C ASN D 739 -21.25 -43.29 -13.85
N SER D 740 -21.40 -43.74 -15.10
CA SER D 740 -22.30 -43.07 -16.03
C SER D 740 -23.74 -43.07 -15.50
N CYS D 741 -24.10 -44.06 -14.68
CA CYS D 741 -25.45 -44.11 -14.14
C CYS D 741 -25.52 -43.78 -12.66
N ILE D 742 -24.41 -43.38 -12.02
CA ILE D 742 -24.49 -43.06 -10.60
C ILE D 742 -24.92 -41.63 -10.36
N ASN D 743 -24.87 -40.78 -11.39
CA ASN D 743 -25.20 -39.36 -11.20
C ASN D 743 -26.64 -39.14 -10.76
N PRO D 744 -27.67 -39.74 -11.38
CA PRO D 744 -29.03 -39.46 -10.93
C PRO D 744 -29.28 -39.86 -9.48
N ILE D 745 -28.95 -41.10 -9.12
CA ILE D 745 -29.25 -41.58 -7.77
C ILE D 745 -28.57 -40.70 -6.73
N ALA D 746 -27.30 -40.37 -6.96
CA ALA D 746 -26.58 -39.51 -6.02
C ALA D 746 -27.26 -38.15 -5.88
N LEU D 747 -27.85 -37.64 -6.98
CA LEU D 747 -28.56 -36.37 -6.89
C LEU D 747 -29.84 -36.52 -6.09
N TYR D 748 -30.45 -37.71 -6.10
CA TYR D 748 -31.71 -37.92 -5.40
C TYR D 748 -31.54 -38.01 -3.89
N PHE D 749 -30.37 -38.40 -3.41
CA PHE D 749 -30.12 -38.54 -1.98
C PHE D 749 -29.31 -37.38 -1.41
N VAL D 750 -29.01 -36.35 -2.20
CA VAL D 750 -28.12 -35.29 -1.75
C VAL D 750 -28.79 -33.93 -1.89
N SER D 751 -29.32 -33.63 -3.07
CA SER D 751 -29.79 -32.28 -3.36
C SER D 751 -30.91 -31.85 -2.41
N LYS D 752 -31.77 -32.78 -2.00
CA LYS D 752 -32.88 -32.52 -1.09
C LYS D 752 -33.95 -31.65 -1.74
N LYS D 753 -33.69 -31.21 -2.98
CA LYS D 753 -34.67 -30.51 -3.79
C LYS D 753 -35.07 -31.28 -5.03
N PHE D 754 -34.15 -32.06 -5.60
CA PHE D 754 -34.52 -32.99 -6.67
C PHE D 754 -35.39 -34.12 -6.16
N LYS D 755 -35.43 -34.33 -4.84
CA LYS D 755 -36.30 -35.35 -4.27
C LYS D 755 -37.77 -35.05 -4.58
N ASN D 756 -38.19 -33.82 -4.30
CA ASN D 756 -39.57 -33.43 -4.58
C ASN D 756 -39.85 -33.42 -6.08
N CYS D 757 -38.85 -33.05 -6.89
CA CYS D 757 -39.03 -33.06 -8.34
C CYS D 757 -39.28 -34.48 -8.85
N PHE D 758 -38.47 -35.44 -8.39
CA PHE D 758 -38.68 -36.83 -8.80
C PHE D 758 -40.00 -37.37 -8.27
N GLN D 759 -40.35 -37.03 -7.02
CA GLN D 759 -41.62 -37.48 -6.46
C GLN D 759 -42.80 -36.88 -7.21
N SER D 760 -42.71 -35.60 -7.56
CA SER D 760 -43.79 -34.94 -8.28
C SER D 760 -43.87 -35.45 -9.72
C1 A1D5I E . -9.91 -49.63 -27.08
C2 A1D5I E . -10.77 -49.33 -25.87
C3 A1D5I E . -10.79 -47.84 -25.55
C4 A1D5I E . -10.84 -47.54 -22.14
C5 A1D5I E . -11.74 -46.82 -21.32
C6 A1D5I E . -12.92 -47.48 -20.91
C8 A1D5I E . -15.05 -47.48 -19.85
C9 A1D5I E . -15.98 -46.51 -19.19
C10 A1D5I E . -16.99 -44.42 -19.68
C11 A1D5I E . -18.57 -43.71 -18.24
C12 A1D5I E . -18.63 -42.51 -18.91
C13 A1D5I E . -17.81 -42.33 -19.99
C14 A1D5I E . -11.46 -45.41 -20.93
C15 A1D5I E . -10.21 -45.03 -20.44
C16 A1D5I E . -9.94 -43.72 -20.10
C17 A1D5I E . -10.91 -42.76 -20.26
C7 A1D5I E . -12.27 -49.32 -22.02
C18 A1D5I E . -12.16 -43.10 -20.76
C19 A1D5I E . -12.42 -44.40 -21.09
N1 A1D5I E . -9.45 -47.34 -25.24
N2 A1D5I E . -9.71 -47.02 -22.59
N3 A1D5I E . -13.19 -48.71 -21.25
N4 A1D5I E . -11.13 -48.80 -22.48
N5 A1D5I E . -17.74 -44.68 -18.62
N6 A1D5I E . -16.96 -43.29 -20.39
O1 A1D5I E . -8.67 -49.01 -23.63
O2 A1D5I E . -7.59 -46.81 -23.78
O3 A1D5I E . -13.80 -46.82 -20.14
O4 A1D5I E . -16.14 -45.39 -20.07
S1 A1D5I E . -8.77 -47.61 -23.80
BR1 A1D5I E . -19.82 -41.15 -18.37
BR2 A1D5I E . -10.55 -40.97 -19.80
#